data_6H30
#
_entry.id   6H30
#
_cell.length_a   93.560
_cell.length_b   187.033
_cell.length_c   134.432
_cell.angle_alpha   90.00
_cell.angle_beta   90.00
_cell.angle_gamma   90.00
#
_symmetry.space_group_name_H-M   'C 2 2 21'
#
loop_
_entity.id
_entity.type
_entity.pdbx_description
1 polymer 'Glutamine ABC transporter permease and substrate binding protein protein'
2 non-polymer DI(HYDROXYETHYL)ETHER
3 non-polymer '2-(N-MORPHOLINO)-ETHANESULFONIC ACID'
4 non-polymer 'TETRAETHYLENE GLYCOL'
5 non-polymer 'PENTAETHYLENE GLYCOL'
6 non-polymer 3,6,9,12,15,18,21,24-OCTAOXAHEXACOSAN-1-OL
7 non-polymer 'TRIETHYLENE GLYCOL'
8 water water
#
_entity_poly.entity_id   1
_entity_poly.type   'polypeptide(L)'
_entity_poly.pdbx_seq_one_letter_code
;GMETTVKIASDSSYAPFEFQNGQKKWVGIDVDIMQEVAKINDWKLEMSYPGFDAALQNLKAGQVDGIIAGMTITDERKET
FDFSNPYYTSALTIATTKDSKLSDYSDLKGKAVGAKNGTAAQTWLQENQKKYGYTIKTYSDGVHMFAALSSGNIAGAMDE
VPVISYAMKQGQDLAMNFPSISLPGGYGFAVMKGKNSTLVDGFNKALAEMKSNGDYDKILKKYGITATKKATPKKDVYTI
ASDNSFAPFEFQNDDKQFTGIDVDLLNAIAKNQGFKLKWNFIGFQAAVDSVQSGHADGMMSGMSITDARKQVFDYGSPYY
SSNLTIATSSTDDSIKSWKDLKGKTLGAKNGTASFDYLNAHAKEYGYTVKTFTDATTMYSSLNNGSINALMDDEPVIKYA
IKQGQKFATPIKPIPDGQYGFAVKKGSNPELIEMFNNGLANLRANGEYDKIIDKYLESDA
;
_entity_poly.pdbx_strand_id   A,B
#
loop_
_chem_comp.id
_chem_comp.type
_chem_comp.name
_chem_comp.formula
1PE non-polymer 'PENTAETHYLENE GLYCOL' 'C10 H22 O6'
MES non-polymer '2-(N-MORPHOLINO)-ETHANESULFONIC ACID' 'C6 H13 N O4 S'
PE5 non-polymer 3,6,9,12,15,18,21,24-OCTAOXAHEXACOSAN-1-OL 'C18 H38 O9'
PEG non-polymer DI(HYDROXYETHYL)ETHER 'C4 H10 O3'
PG4 non-polymer 'TETRAETHYLENE GLYCOL' 'C8 H18 O5'
PGE non-polymer 'TRIETHYLENE GLYCOL' 'C6 H14 O4'
#
# COMPACT_ATOMS: atom_id res chain seq x y z
N THR A 4 -7.24 10.98 42.23
CA THR A 4 -7.57 9.99 41.22
C THR A 4 -7.09 10.46 39.85
N THR A 5 -6.00 11.21 39.86
CA THR A 5 -5.34 11.65 38.64
C THR A 5 -4.33 10.60 38.18
N VAL A 6 -4.28 10.34 36.87
CA VAL A 6 -3.20 9.54 36.30
C VAL A 6 -2.10 10.50 35.88
N LYS A 7 -0.98 10.47 36.59
CA LYS A 7 0.15 11.35 36.31
C LYS A 7 1.18 10.61 35.48
N ILE A 8 1.43 11.07 34.26
CA ILE A 8 2.43 10.50 33.37
C ILE A 8 3.53 11.51 33.11
N ALA A 9 4.78 11.08 33.23
CA ALA A 9 5.95 11.89 32.99
C ALA A 9 6.60 11.50 31.67
N SER A 10 7.30 12.45 31.06
CA SER A 10 7.85 12.31 29.71
C SER A 10 9.10 13.18 29.58
N ASP A 11 9.72 13.13 28.39
CA ASP A 11 10.94 13.89 28.16
C ASP A 11 10.61 15.35 27.92
N SER A 12 11.63 16.19 28.09
CA SER A 12 11.48 17.64 28.08
C SER A 12 11.66 18.26 26.69
N SER A 13 12.23 17.53 25.73
CA SER A 13 12.29 17.97 24.35
C SER A 13 12.74 16.80 23.48
N TYR A 14 11.82 16.26 22.69
CA TYR A 14 12.10 15.08 21.89
C TYR A 14 11.17 15.04 20.71
N ALA A 15 11.41 15.89 19.72
CA ALA A 15 10.46 15.85 18.63
C ALA A 15 10.74 14.65 17.74
N PRO A 16 9.69 14.02 17.17
CA PRO A 16 8.27 14.41 17.21
C PRO A 16 7.44 13.76 18.32
N PHE A 17 8.09 13.16 19.32
CA PHE A 17 7.33 12.39 20.30
C PHE A 17 6.75 13.28 21.38
N GLU A 18 7.52 14.24 21.89
CA GLU A 18 6.98 15.23 22.82
C GLU A 18 7.78 16.52 22.69
N PHE A 19 7.09 17.64 22.51
CA PHE A 19 7.77 18.91 22.26
C PHE A 19 6.76 20.04 22.29
N GLN A 20 7.27 21.27 22.33
CA GLN A 20 6.45 22.45 22.40
C GLN A 20 6.35 23.11 21.03
N ASN A 21 5.14 23.52 20.64
CA ASN A 21 4.91 24.16 19.35
C ASN A 21 4.92 25.68 19.49
N GLY A 22 4.47 26.36 18.44
CA GLY A 22 4.47 27.81 18.42
C GLY A 22 3.66 28.45 19.52
N GLN A 23 2.79 27.69 20.18
CA GLN A 23 2.00 28.22 21.30
C GLN A 23 2.62 27.90 22.65
N LYS A 24 3.86 27.40 22.68
CA LYS A 24 4.46 26.81 23.88
C LYS A 24 3.59 25.68 24.44
N LYS A 25 2.74 25.09 23.59
CA LYS A 25 1.86 23.99 23.95
C LYS A 25 2.53 22.65 23.70
N TRP A 26 2.33 21.72 24.64
CA TRP A 26 2.94 20.40 24.54
C TRP A 26 2.16 19.55 23.55
N VAL A 27 2.90 18.91 22.64
CA VAL A 27 2.29 18.14 21.55
C VAL A 27 3.27 17.08 21.09
N GLY A 28 2.82 16.20 20.19
CA GLY A 28 3.64 15.12 19.68
C GLY A 28 2.92 13.78 19.68
N ILE A 29 3.64 12.77 19.21
CA ILE A 29 3.11 11.41 19.06
C ILE A 29 2.80 10.81 20.42
N ASP A 30 3.77 10.87 21.33
CA ASP A 30 3.51 10.37 22.69
C ASP A 30 2.37 11.15 23.34
N VAL A 31 2.41 12.47 23.19
CA VAL A 31 1.42 13.30 23.84
C VAL A 31 0.03 12.97 23.31
N ASP A 32 -0.11 12.93 21.99
CA ASP A 32 -1.41 12.65 21.39
C ASP A 32 -1.87 11.24 21.76
N ILE A 33 -0.97 10.26 21.70
CA ILE A 33 -1.35 8.88 22.02
C ILE A 33 -1.81 8.78 23.46
N MET A 34 -1.02 9.30 24.41
CA MET A 34 -1.39 9.21 25.82
C MET A 34 -2.73 9.88 26.07
N GLN A 35 -2.98 11.03 25.43
CA GLN A 35 -4.21 11.77 25.69
C GLN A 35 -5.44 11.02 25.20
N GLU A 36 -5.32 10.33 24.06
CA GLU A 36 -6.47 9.58 23.55
C GLU A 36 -6.72 8.34 24.41
N VAL A 37 -5.64 7.67 24.83
CA VAL A 37 -5.77 6.52 25.73
C VAL A 37 -6.54 6.92 26.98
N ALA A 38 -6.18 8.06 27.58
CA ALA A 38 -6.91 8.54 28.76
C ALA A 38 -8.38 8.72 28.47
N LYS A 39 -8.68 9.38 27.34
CA LYS A 39 -10.06 9.62 26.98
C LYS A 39 -10.78 8.30 26.77
N ILE A 40 -10.14 7.37 26.07
CA ILE A 40 -10.76 6.07 25.84
C ILE A 40 -11.02 5.35 27.17
N ASN A 41 -10.22 5.65 28.19
CA ASN A 41 -10.37 4.98 29.48
C ASN A 41 -11.09 5.82 30.54
N ASP A 42 -11.57 7.02 30.18
CA ASP A 42 -12.18 7.96 31.14
C ASP A 42 -11.24 8.29 32.30
N TRP A 43 -9.97 8.57 31.97
CA TRP A 43 -8.93 8.96 32.91
C TRP A 43 -8.68 10.47 32.85
N LYS A 44 -8.36 11.05 34.01
CA LYS A 44 -7.86 12.42 34.07
C LYS A 44 -6.35 12.40 33.93
N LEU A 45 -5.85 12.87 32.80
CA LEU A 45 -4.42 12.79 32.50
C LEU A 45 -3.71 14.05 33.01
N GLU A 46 -2.60 13.85 33.73
CA GLU A 46 -1.73 14.93 34.18
C GLU A 46 -0.33 14.64 33.65
N MET A 47 0.02 15.25 32.50
CA MET A 47 1.33 15.06 31.91
C MET A 47 2.35 15.97 32.59
N SER A 48 3.59 15.50 32.70
CA SER A 48 4.69 16.36 33.09
C SER A 48 5.90 16.05 32.22
N TYR A 49 6.77 17.03 32.05
CA TYR A 49 7.88 16.93 31.10
C TYR A 49 9.22 17.27 31.75
N PRO A 50 9.61 16.55 32.81
CA PRO A 50 10.90 16.83 33.46
C PRO A 50 12.11 16.38 32.68
N GLY A 51 11.93 15.45 31.75
CA GLY A 51 13.03 14.83 31.03
C GLY A 51 13.19 13.36 31.42
N PHE A 52 13.71 12.57 30.47
CA PHE A 52 13.60 11.11 30.54
C PHE A 52 14.23 10.53 31.80
N ASP A 53 15.46 10.94 32.12
CA ASP A 53 16.11 10.41 33.30
C ASP A 53 15.34 10.82 34.56
N ALA A 54 14.94 12.08 34.61
CA ALA A 54 14.13 12.56 35.72
C ALA A 54 12.80 11.83 35.78
N ALA A 55 12.23 11.51 34.62
CA ALA A 55 10.99 10.74 34.58
C ALA A 55 11.17 9.38 35.26
N LEU A 56 12.25 8.68 34.94
CA LEU A 56 12.51 7.41 35.59
C LEU A 56 12.66 7.59 37.10
N GLN A 57 13.44 8.60 37.51
CA GLN A 57 13.58 8.87 38.94
C GLN A 57 12.23 9.14 39.58
N ASN A 58 11.39 9.96 38.95
CA ASN A 58 10.07 10.25 39.53
C ASN A 58 9.16 9.01 39.54
N LEU A 59 9.22 8.19 38.49
CA LEU A 59 8.44 6.95 38.50
C LEU A 59 8.82 6.07 39.67
N LYS A 60 10.13 5.91 39.88
CA LYS A 60 10.63 5.02 40.93
C LYS A 60 10.20 5.48 42.31
N ALA A 61 10.17 6.79 42.52
CA ALA A 61 9.74 7.35 43.80
C ALA A 61 8.23 7.30 43.98
N GLY A 62 7.48 6.83 42.99
CA GLY A 62 6.05 6.84 43.12
C GLY A 62 5.43 8.20 43.04
N GLN A 63 6.24 9.23 42.76
CA GLN A 63 5.72 10.57 42.52
C GLN A 63 4.93 10.65 41.21
N VAL A 64 5.02 9.63 40.38
CA VAL A 64 4.43 9.57 39.05
C VAL A 64 3.86 8.17 38.85
N ASP A 65 2.80 8.07 38.05
CA ASP A 65 2.13 6.79 37.88
C ASP A 65 2.76 5.94 36.77
N GLY A 66 3.22 6.57 35.68
CA GLY A 66 3.77 5.86 34.55
C GLY A 66 4.58 6.81 33.67
N ILE A 67 5.10 6.28 32.57
CA ILE A 67 6.01 7.04 31.71
CA ILE A 67 6.03 7.02 31.71
C ILE A 67 5.73 6.70 30.25
N ILE A 68 5.63 7.73 29.41
CA ILE A 68 5.63 7.53 27.96
C ILE A 68 6.54 8.61 27.39
N ALA A 69 7.69 8.19 26.85
CA ALA A 69 8.73 9.12 26.45
C ALA A 69 9.70 8.46 25.49
N GLY A 70 9.20 7.82 24.43
CA GLY A 70 10.02 7.04 23.53
C GLY A 70 10.95 6.06 24.20
N MET A 71 10.42 5.26 25.12
CA MET A 71 11.22 4.36 25.96
C MET A 71 11.36 2.98 25.30
N THR A 72 12.59 2.55 25.01
CA THR A 72 12.80 1.26 24.36
C THR A 72 12.54 0.12 25.34
N ILE A 73 11.76 -0.86 24.91
CA ILE A 73 11.49 -2.02 25.76
C ILE A 73 12.68 -2.94 25.71
N THR A 74 13.24 -3.27 26.87
CA THR A 74 14.44 -4.09 26.95
C THR A 74 14.34 -5.00 28.16
N ASP A 75 14.96 -6.18 28.02
CA ASP A 75 14.95 -7.17 29.08
C ASP A 75 15.62 -6.64 30.35
N GLU A 76 16.69 -5.87 30.20
CA GLU A 76 17.27 -5.25 31.39
C GLU A 76 16.23 -4.44 32.14
N ARG A 77 15.42 -3.68 31.42
CA ARG A 77 14.48 -2.77 32.03
C ARG A 77 13.29 -3.50 32.61
N LYS A 78 13.00 -4.67 32.06
CA LYS A 78 11.93 -5.49 32.62
C LYS A 78 12.27 -6.01 34.00
N GLU A 79 13.53 -5.85 34.43
CA GLU A 79 13.84 -6.19 35.81
C GLU A 79 13.21 -5.20 36.78
N THR A 80 12.97 -3.97 36.33
CA THR A 80 12.45 -2.88 37.15
C THR A 80 11.06 -2.41 36.74
N PHE A 81 10.71 -2.51 35.46
CA PHE A 81 9.46 -1.97 34.96
C PHE A 81 8.58 -3.04 34.33
N ASP A 82 7.31 -2.71 34.23
CA ASP A 82 6.37 -3.45 33.40
C ASP A 82 6.02 -2.58 32.20
N PHE A 83 6.00 -3.16 31.00
CA PHE A 83 5.72 -2.38 29.80
C PHE A 83 4.40 -2.78 29.19
N SER A 84 3.80 -1.84 28.45
CA SER A 84 2.73 -2.17 27.52
C SER A 84 3.30 -2.85 26.29
N ASN A 85 2.42 -3.21 25.37
CA ASN A 85 2.85 -3.61 24.04
C ASN A 85 3.55 -2.43 23.36
N PRO A 86 4.46 -2.71 22.43
CA PRO A 86 5.09 -1.60 21.70
C PRO A 86 4.03 -0.76 21.01
N TYR A 87 4.13 0.55 21.17
CA TYR A 87 3.23 1.43 20.45
C TYR A 87 3.90 2.06 19.24
N TYR A 88 5.22 2.00 19.16
CA TYR A 88 5.97 2.52 18.03
C TYR A 88 7.23 1.70 17.89
N THR A 89 7.62 1.45 16.64
CA THR A 89 8.85 0.72 16.30
C THR A 89 9.69 1.70 15.47
N SER A 90 10.69 2.32 16.09
CA SER A 90 11.53 3.29 15.41
C SER A 90 12.61 2.59 14.59
N ALA A 91 13.42 3.38 13.88
CA ALA A 91 14.50 2.82 13.09
C ALA A 91 15.58 3.87 12.86
N LEU A 92 16.76 3.37 12.51
CA LEU A 92 17.90 4.21 12.21
C LEU A 92 18.13 4.24 10.71
N THR A 93 18.54 5.40 10.19
CA THR A 93 18.98 5.48 8.80
C THR A 93 19.83 6.72 8.62
N ILE A 94 20.32 6.90 7.38
CA ILE A 94 21.21 7.98 7.03
C ILE A 94 20.41 9.08 6.34
N ALA A 95 20.40 10.27 6.94
CA ALA A 95 19.87 11.47 6.30
C ALA A 95 20.96 12.19 5.52
N THR A 96 20.56 12.74 4.38
CA THR A 96 21.42 13.50 3.50
C THR A 96 20.65 14.73 3.03
N THR A 97 21.38 15.73 2.52
CA THR A 97 20.69 16.83 1.86
C THR A 97 19.98 16.29 0.64
N LYS A 98 18.94 17.02 0.20
CA LYS A 98 18.10 16.53 -0.89
C LYS A 98 18.91 16.19 -2.14
N ASP A 99 19.99 16.92 -2.38
CA ASP A 99 20.75 16.83 -3.60
C ASP A 99 21.91 15.86 -3.49
N SER A 100 21.86 14.91 -2.58
CA SER A 100 22.94 13.94 -2.47
C SER A 100 22.63 12.77 -3.40
N LYS A 101 23.69 12.18 -3.93
CA LYS A 101 23.57 11.00 -4.79
C LYS A 101 23.84 9.70 -4.05
N LEU A 102 24.12 9.76 -2.76
CA LEU A 102 24.42 8.56 -2.00
C LEU A 102 23.13 7.87 -1.59
N SER A 103 23.15 6.53 -1.62
CA SER A 103 21.90 5.77 -1.44
C SER A 103 22.16 4.44 -0.75
N ASP A 104 23.44 4.08 -0.59
CA ASP A 104 23.84 2.80 -0.01
C ASP A 104 24.97 3.00 0.99
N TYR A 105 25.03 2.10 1.98
CA TYR A 105 26.05 2.22 3.01
C TYR A 105 27.46 2.04 2.45
N SER A 106 27.60 1.33 1.32
CA SER A 106 28.88 1.24 0.62
C SER A 106 29.35 2.62 0.16
N ASP A 107 28.41 3.49 -0.22
CA ASP A 107 28.79 4.81 -0.72
C ASP A 107 29.60 5.59 0.30
N LEU A 108 29.50 5.25 1.58
CA LEU A 108 30.12 6.00 2.66
C LEU A 108 31.61 5.70 2.83
N LYS A 109 32.16 4.81 1.99
CA LYS A 109 33.59 4.57 1.99
C LYS A 109 34.32 5.89 1.77
N GLY A 110 35.22 6.23 2.68
CA GLY A 110 35.96 7.46 2.54
C GLY A 110 35.28 8.70 3.06
N LYS A 111 33.99 8.64 3.36
CA LYS A 111 33.19 9.77 3.77
C LYS A 111 33.21 9.93 5.29
N ALA A 112 32.78 11.10 5.75
CA ALA A 112 32.58 11.35 7.17
C ALA A 112 31.09 11.27 7.46
N VAL A 113 30.73 10.56 8.52
CA VAL A 113 29.34 10.33 8.89
C VAL A 113 29.14 10.86 10.30
N GLY A 114 28.01 11.49 10.54
CA GLY A 114 27.67 12.01 11.86
C GLY A 114 26.69 11.11 12.60
N ALA A 115 26.74 11.20 13.93
CA ALA A 115 25.75 10.61 14.81
C ALA A 115 25.75 11.42 16.10
N LYS A 116 24.63 11.39 16.83
CA LYS A 116 24.58 12.08 18.12
C LYS A 116 25.29 11.25 19.18
N ASN A 117 26.02 11.93 20.06
CA ASN A 117 26.81 11.21 21.04
C ASN A 117 25.92 10.44 22.02
N GLY A 118 26.37 9.23 22.37
CA GLY A 118 25.67 8.39 23.31
C GLY A 118 24.36 7.79 22.82
N THR A 119 24.25 7.53 21.52
CA THR A 119 23.01 7.05 20.93
C THR A 119 23.18 5.67 20.32
N ALA A 120 22.05 5.06 20.00
CA ALA A 120 22.10 3.85 19.21
C ALA A 120 22.76 4.12 17.87
N ALA A 121 22.40 5.23 17.23
CA ALA A 121 23.03 5.62 15.97
C ALA A 121 24.54 5.65 16.10
N GLN A 122 25.06 6.18 17.20
CA GLN A 122 26.51 6.15 17.42
C GLN A 122 27.02 4.72 17.43
N THR A 123 26.47 3.90 18.32
CA THR A 123 26.89 2.51 18.44
C THR A 123 26.86 1.78 17.11
N TRP A 124 25.71 1.82 16.43
CA TRP A 124 25.59 1.17 15.14
C TRP A 124 26.73 1.59 14.20
N LEU A 125 26.98 2.90 14.10
CA LEU A 125 28.04 3.37 13.21
C LEU A 125 29.36 2.71 13.54
N GLN A 126 29.64 2.54 14.83
CA GLN A 126 30.87 1.89 15.25
C GLN A 126 30.87 0.42 14.85
N GLU A 127 29.77 -0.29 15.11
CA GLU A 127 29.71 -1.72 14.81
C GLU A 127 29.90 -1.99 13.33
N ASN A 128 29.49 -1.07 12.47
CA ASN A 128 29.57 -1.28 11.03
C ASN A 128 30.69 -0.49 10.38
N GLN A 129 31.54 0.19 11.16
CA GLN A 129 32.57 1.02 10.53
C GLN A 129 33.62 0.17 9.82
N LYS A 130 34.07 -0.90 10.46
CA LYS A 130 35.08 -1.75 9.83
C LYS A 130 34.58 -2.26 8.48
N LYS A 131 33.30 -2.62 8.40
CA LYS A 131 32.69 -3.07 7.15
C LYS A 131 32.80 -2.01 6.07
N TYR A 132 32.22 -0.83 6.31
CA TYR A 132 31.93 0.12 5.25
C TYR A 132 33.03 1.16 5.01
N GLY A 133 33.88 1.40 6.01
CA GLY A 133 35.03 2.27 5.86
C GLY A 133 34.74 3.76 5.85
N TYR A 134 33.92 4.22 6.79
CA TYR A 134 33.63 5.64 6.94
C TYR A 134 34.35 6.18 8.18
N THR A 135 34.44 7.50 8.24
CA THR A 135 34.84 8.18 9.44
C THR A 135 33.59 8.51 10.24
N ILE A 136 33.74 8.55 11.56
CA ILE A 136 32.62 8.82 12.44
C ILE A 136 32.89 10.14 13.13
N LYS A 137 32.07 11.14 12.84
CA LYS A 137 32.07 12.36 13.63
C LYS A 137 30.86 12.33 14.57
N THR A 138 31.08 12.64 15.84
CA THR A 138 29.98 12.60 16.79
C THR A 138 29.68 14.02 17.26
N TYR A 139 28.42 14.23 17.67
CA TYR A 139 27.87 15.54 17.97
C TYR A 139 27.09 15.51 19.26
N SER A 140 26.91 16.68 19.86
CA SER A 140 26.27 16.78 21.15
C SER A 140 24.76 16.83 21.05
N ASP A 141 24.23 17.40 19.98
CA ASP A 141 22.79 17.44 19.77
C ASP A 141 22.54 17.45 18.28
N GLY A 142 21.26 17.36 17.92
CA GLY A 142 20.90 17.31 16.50
C GLY A 142 21.20 18.60 15.77
N VAL A 143 20.98 19.74 16.45
CA VAL A 143 21.23 21.05 15.84
C VAL A 143 22.62 21.08 15.26
N HIS A 144 23.61 20.64 16.04
CA HIS A 144 24.98 20.73 15.57
C HIS A 144 25.25 19.70 14.49
N MET A 145 24.64 18.51 14.62
CA MET A 145 24.82 17.47 13.63
C MET A 145 24.28 17.90 12.27
N PHE A 146 23.05 18.43 12.24
CA PHE A 146 22.45 18.76 10.95
C PHE A 146 23.06 19.99 10.33
N ALA A 147 23.46 20.97 11.15
CA ALA A 147 24.24 22.09 10.63
C ALA A 147 25.49 21.60 9.92
N ALA A 148 26.12 20.56 10.46
CA ALA A 148 27.26 19.94 9.80
C ALA A 148 26.84 19.22 8.52
N LEU A 149 25.68 18.56 8.51
CA LEU A 149 25.22 17.96 7.27
C LEU A 149 24.96 19.03 6.23
N SER A 150 24.26 20.09 6.63
CA SER A 150 23.91 21.15 5.71
C SER A 150 25.12 21.82 5.13
N SER A 151 26.20 21.94 5.90
CA SER A 151 27.36 22.69 5.44
C SER A 151 28.35 21.85 4.67
N GLY A 152 28.07 20.57 4.46
CA GLY A 152 28.93 19.68 3.70
C GLY A 152 30.07 19.05 4.46
N ASN A 153 30.17 19.24 5.77
CA ASN A 153 31.30 18.71 6.52
C ASN A 153 31.14 17.25 6.91
N ILE A 154 29.91 16.72 6.87
CA ILE A 154 29.63 15.28 6.83
C ILE A 154 28.77 15.00 5.61
N ALA A 155 28.90 13.79 5.06
CA ALA A 155 28.17 13.41 3.85
C ALA A 155 26.83 12.75 4.15
N GLY A 156 26.65 12.25 5.36
CA GLY A 156 25.39 11.70 5.81
C GLY A 156 25.37 11.82 7.31
N ALA A 157 24.18 11.72 7.89
CA ALA A 157 24.03 11.77 9.34
C ALA A 157 23.04 10.70 9.75
N MET A 158 23.39 9.90 10.76
CA MET A 158 22.53 8.79 11.15
C MET A 158 21.65 9.19 12.32
N ASP A 159 20.35 8.95 12.20
CA ASP A 159 19.40 9.30 13.23
C ASP A 159 18.15 8.46 13.05
N GLU A 160 17.16 8.73 13.89
CA GLU A 160 15.90 8.01 13.83
C GLU A 160 15.06 8.45 12.64
N VAL A 161 14.49 7.47 11.95
CA VAL A 161 13.55 7.75 10.88
C VAL A 161 12.46 8.75 11.32
N PRO A 162 11.78 8.57 12.48
CA PRO A 162 10.74 9.54 12.85
C PRO A 162 11.23 10.97 13.01
N VAL A 163 12.40 11.14 13.61
CA VAL A 163 12.97 12.46 13.79
C VAL A 163 13.26 13.11 12.45
N ILE A 164 13.83 12.36 11.50
CA ILE A 164 14.08 12.91 10.18
C ILE A 164 12.77 13.16 9.45
N SER A 165 11.88 12.16 9.42
CA SER A 165 10.60 12.32 8.73
C SER A 165 9.92 13.61 9.15
N TYR A 166 10.00 13.91 10.44
CA TYR A 166 9.38 15.12 10.93
C TYR A 166 10.12 16.35 10.43
N ALA A 167 11.45 16.32 10.39
CA ALA A 167 12.21 17.47 9.91
C ALA A 167 11.89 17.76 8.45
N MET A 168 11.66 16.72 7.65
CA MET A 168 11.27 16.93 6.27
C MET A 168 9.88 17.54 6.17
N LYS A 169 8.96 17.12 7.05
CA LYS A 169 7.63 17.72 7.11
C LYS A 169 7.71 19.21 7.42
N GLN A 170 8.65 19.60 8.30
CA GLN A 170 8.86 21.01 8.61
C GLN A 170 9.41 21.79 7.44
N GLY A 171 10.09 21.14 6.52
CA GLY A 171 10.67 21.82 5.38
C GLY A 171 12.19 21.98 5.37
N GLN A 172 12.93 21.15 6.09
CA GLN A 172 14.40 21.14 6.02
C GLN A 172 14.89 20.43 4.76
N ASP A 173 16.14 20.70 4.40
CA ASP A 173 16.76 20.15 3.18
C ASP A 173 17.33 18.76 3.51
N LEU A 174 16.45 17.77 3.52
CA LEU A 174 16.82 16.45 4.03
C LEU A 174 16.21 15.35 3.17
N ALA A 175 16.92 14.22 3.11
CA ALA A 175 16.40 13.10 2.36
C ALA A 175 16.80 11.81 3.04
N MET A 176 15.98 10.78 2.82
CA MET A 176 16.26 9.43 3.31
C MET A 176 16.30 8.50 2.10
N ASN A 177 17.48 8.30 1.53
CA ASN A 177 17.64 7.38 0.40
C ASN A 177 18.15 6.01 0.82
N PHE A 178 18.62 5.88 2.03
CA PHE A 178 19.23 4.65 2.53
C PHE A 178 18.18 3.72 3.08
N PRO A 179 18.51 2.43 3.19
CA PRO A 179 17.67 1.53 3.98
C PRO A 179 17.67 1.95 5.44
N SER A 180 16.69 1.48 6.18
CA SER A 180 16.66 1.72 7.60
C SER A 180 16.91 0.43 8.37
N ILE A 181 17.30 0.59 9.63
CA ILE A 181 17.46 -0.53 10.55
C ILE A 181 16.46 -0.34 11.69
N SER A 182 15.52 -1.26 11.80
CA SER A 182 14.60 -1.26 12.94
C SER A 182 15.38 -1.39 14.24
N LEU A 183 14.94 -0.67 15.27
CA LEU A 183 15.52 -0.78 16.61
C LEU A 183 14.78 -1.84 17.41
N PRO A 184 15.46 -2.87 17.92
CA PRO A 184 14.75 -3.95 18.62
C PRO A 184 14.02 -3.44 19.85
N GLY A 185 12.94 -4.14 20.21
CA GLY A 185 12.16 -3.76 21.37
C GLY A 185 10.93 -2.94 21.09
N GLY A 186 11.13 -1.78 20.46
CA GLY A 186 10.05 -0.83 20.26
C GLY A 186 9.82 0.00 21.50
N TYR A 187 9.07 1.09 21.32
CA TYR A 187 8.80 2.00 22.41
C TYR A 187 7.54 1.54 23.13
N GLY A 188 7.55 1.69 24.45
CA GLY A 188 6.42 1.29 25.25
C GLY A 188 6.10 2.28 26.34
N PHE A 189 4.90 2.12 26.87
CA PHE A 189 4.44 2.78 28.08
C PHE A 189 4.82 1.90 29.25
N ALA A 190 5.33 2.51 30.32
CA ALA A 190 5.91 1.77 31.44
C ALA A 190 5.33 2.22 32.78
N VAL A 191 5.24 1.24 33.70
CA VAL A 191 4.90 1.45 35.09
C VAL A 191 5.94 0.70 35.94
N MET A 192 5.96 1.00 37.23
CA MET A 192 6.85 0.24 38.11
C MET A 192 6.44 -1.22 38.10
N LYS A 193 7.43 -2.10 38.16
CA LYS A 193 7.13 -3.53 38.06
C LYS A 193 6.19 -3.95 39.18
N GLY A 194 5.15 -4.70 38.80
CA GLY A 194 4.19 -5.24 39.73
C GLY A 194 3.14 -4.27 40.24
N LYS A 195 3.17 -3.02 39.79
CA LYS A 195 2.27 -1.98 40.25
C LYS A 195 1.53 -1.42 39.05
N ASN A 196 0.33 -0.90 39.30
CA ASN A 196 -0.44 -0.16 38.29
C ASN A 196 -0.71 -0.99 37.04
N SER A 197 -1.12 -2.24 37.23
CA SER A 197 -1.36 -3.08 36.05
C SER A 197 -2.52 -2.56 35.21
N THR A 198 -3.59 -2.09 35.85
CA THR A 198 -4.76 -1.65 35.10
C THR A 198 -4.41 -0.51 34.14
N LEU A 199 -3.37 0.26 34.44
CA LEU A 199 -2.89 1.25 33.47
C LEU A 199 -2.34 0.57 32.23
N VAL A 200 -1.45 -0.42 32.41
CA VAL A 200 -0.93 -1.14 31.25
C VAL A 200 -2.07 -1.74 30.45
N ASP A 201 -2.97 -2.46 31.12
CA ASP A 201 -4.07 -3.08 30.39
C ASP A 201 -4.93 -2.03 29.71
N GLY A 202 -5.23 -0.93 30.40
CA GLY A 202 -5.98 0.15 29.76
C GLY A 202 -5.27 0.79 28.58
N PHE A 203 -3.94 0.93 28.69
CA PHE A 203 -3.17 1.40 27.55
C PHE A 203 -3.27 0.44 26.38
N ASN A 204 -3.06 -0.86 26.64
CA ASN A 204 -3.03 -1.81 25.56
C ASN A 204 -4.37 -1.89 24.86
N LYS A 205 -5.44 -1.92 25.64
CA LYS A 205 -6.76 -2.09 25.04
C LYS A 205 -7.11 -0.87 24.20
N ALA A 206 -6.86 0.33 24.74
CA ALA A 206 -7.07 1.56 23.98
C ALA A 206 -6.25 1.57 22.69
N LEU A 207 -4.95 1.31 22.82
CA LEU A 207 -4.07 1.28 21.65
C LEU A 207 -4.64 0.42 20.52
N ALA A 208 -5.15 -0.77 20.85
CA ALA A 208 -5.73 -1.63 19.84
C ALA A 208 -6.89 -0.94 19.13
N GLU A 209 -7.77 -0.28 19.89
CA GLU A 209 -8.86 0.46 19.27
C GLU A 209 -8.32 1.51 18.31
N MET A 210 -7.31 2.27 18.74
CA MET A 210 -6.79 3.34 17.89
C MET A 210 -6.15 2.78 16.62
N LYS A 211 -5.45 1.64 16.72
CA LYS A 211 -5.00 0.97 15.52
C LYS A 211 -6.20 0.51 14.70
N SER A 212 -7.23 0.01 15.38
CA SER A 212 -8.37 -0.53 14.67
C SER A 212 -9.24 0.55 14.02
N ASN A 213 -9.31 1.76 14.60
CA ASN A 213 -10.23 2.77 14.09
C ASN A 213 -9.53 3.85 13.26
N GLY A 214 -8.24 3.69 12.98
CA GLY A 214 -7.52 4.64 12.18
C GLY A 214 -6.99 5.86 12.90
N ASP A 215 -7.38 6.07 14.16
CA ASP A 215 -6.87 7.24 14.89
C ASP A 215 -5.37 7.15 15.15
N TYR A 216 -4.83 5.95 15.29
CA TYR A 216 -3.38 5.80 15.39
C TYR A 216 -2.67 6.34 14.15
N ASP A 217 -3.02 5.79 12.98
CA ASP A 217 -2.40 6.22 11.72
C ASP A 217 -2.52 7.73 11.50
N LYS A 218 -3.67 8.31 11.85
CA LYS A 218 -3.86 9.74 11.66
C LYS A 218 -2.87 10.54 12.50
N ILE A 219 -2.59 10.08 13.72
CA ILE A 219 -1.60 10.76 14.56
C ILE A 219 -0.24 10.70 13.90
N LEU A 220 0.15 9.53 13.39
CA LEU A 220 1.45 9.43 12.75
C LEU A 220 1.49 10.29 11.49
N LYS A 221 0.44 10.26 10.68
CA LYS A 221 0.39 11.10 9.49
C LYS A 221 0.59 12.57 9.85
N LYS A 222 0.13 12.96 11.03
CA LYS A 222 0.25 14.36 11.48
C LYS A 222 1.68 14.83 11.49
N TYR A 223 2.61 13.96 11.88
CA TYR A 223 3.99 14.35 12.10
C TYR A 223 4.92 13.94 10.97
N GLY A 224 4.37 13.55 9.82
CA GLY A 224 5.17 13.22 8.66
C GLY A 224 5.50 11.75 8.52
N ILE A 225 4.83 10.88 9.24
CA ILE A 225 5.14 9.45 9.27
C ILE A 225 3.99 8.68 8.64
N THR A 226 4.28 7.98 7.55
CA THR A 226 3.26 7.20 6.86
C THR A 226 3.30 5.79 7.43
N ALA A 227 2.29 5.44 8.20
CA ALA A 227 2.26 4.16 8.90
C ALA A 227 2.30 2.99 7.93
N THR A 228 3.35 2.17 8.04
CA THR A 228 3.51 0.95 7.27
C THR A 228 3.43 -0.25 8.21
N LYS A 229 3.05 -1.41 7.67
CA LYS A 229 3.13 -2.63 8.47
C LYS A 229 4.60 -3.01 8.66
N LYS A 230 5.04 -2.98 9.92
CA LYS A 230 6.41 -3.30 10.31
C LYS A 230 6.37 -4.15 11.56
N ALA A 231 6.98 -5.34 11.50
CA ALA A 231 7.20 -6.10 12.72
C ALA A 231 8.28 -5.43 13.59
N THR A 232 8.29 -5.77 14.88
CA THR A 232 9.27 -5.25 15.82
C THR A 232 10.35 -6.30 16.06
N PRO A 233 11.61 -6.07 15.70
CA PRO A 233 12.65 -7.06 16.02
C PRO A 233 12.88 -7.12 17.51
N LYS A 234 13.22 -8.32 17.99
CA LYS A 234 13.61 -8.53 19.37
C LYS A 234 15.12 -8.72 19.55
N LYS A 235 15.81 -9.26 18.53
CA LYS A 235 17.26 -9.44 18.49
C LYS A 235 17.90 -8.44 17.54
N ASP A 236 19.22 -8.32 17.67
CA ASP A 236 20.05 -7.57 16.73
C ASP A 236 20.07 -8.19 15.35
N VAL A 237 20.04 -9.51 15.27
CA VAL A 237 20.23 -10.22 14.02
C VAL A 237 19.59 -11.58 14.21
N TYR A 238 19.02 -12.12 13.15
CA TYR A 238 18.44 -13.47 13.16
C TYR A 238 19.21 -14.38 12.21
N THR A 239 19.45 -15.62 12.66
CA THR A 239 20.20 -16.58 11.86
C THR A 239 19.25 -17.40 11.02
N ILE A 240 19.54 -17.51 9.74
CA ILE A 240 18.69 -18.26 8.81
C ILE A 240 19.52 -19.35 8.17
N ALA A 241 19.11 -20.60 8.39
CA ALA A 241 19.74 -21.77 7.80
C ALA A 241 19.03 -22.16 6.50
N SER A 242 19.76 -22.85 5.62
CA SER A 242 19.24 -23.16 4.30
C SER A 242 20.14 -24.21 3.63
N ASP A 243 19.63 -24.77 2.53
CA ASP A 243 20.38 -25.76 1.78
C ASP A 243 21.51 -25.11 1.01
N ASN A 244 22.59 -25.88 0.79
CA ASN A 244 23.77 -25.35 0.11
C ASN A 244 23.65 -25.33 -1.40
N SER A 245 22.74 -26.11 -2.00
CA SER A 245 22.64 -26.13 -3.45
C SER A 245 21.31 -26.74 -3.89
N PHE A 246 20.34 -25.87 -4.08
CA PHE A 246 19.08 -26.22 -4.71
C PHE A 246 18.75 -25.01 -5.59
N ALA A 247 19.33 -24.99 -6.77
CA ALA A 247 18.97 -24.01 -7.79
C ALA A 247 17.55 -24.27 -8.29
N PRO A 248 16.77 -23.21 -8.55
CA PRO A 248 17.21 -21.81 -8.47
C PRO A 248 16.95 -21.05 -7.14
N PHE A 249 16.72 -21.76 -6.04
CA PHE A 249 16.30 -21.03 -4.84
C PHE A 249 17.48 -20.66 -3.94
N GLU A 250 18.36 -21.61 -3.66
CA GLU A 250 19.61 -21.32 -2.97
C GLU A 250 20.73 -22.11 -3.64
N PHE A 251 21.73 -21.39 -4.13
CA PHE A 251 22.82 -22.01 -4.86
C PHE A 251 23.90 -20.96 -4.99
N GLN A 252 25.08 -21.38 -5.44
CA GLN A 252 26.21 -20.47 -5.63
C GLN A 252 26.45 -20.24 -7.11
N ASN A 253 26.75 -19.01 -7.48
CA ASN A 253 27.08 -18.73 -8.87
C ASN A 253 28.59 -18.90 -9.06
N ASP A 254 29.08 -18.44 -10.22
CA ASP A 254 30.46 -18.71 -10.57
C ASP A 254 31.45 -17.88 -9.76
N ASP A 255 31.04 -16.71 -9.29
CA ASP A 255 31.85 -16.01 -8.30
C ASP A 255 31.83 -16.69 -6.94
N LYS A 256 31.13 -17.82 -6.81
CA LYS A 256 31.00 -18.63 -5.58
C LYS A 256 30.22 -17.91 -4.48
N GLN A 257 29.47 -16.87 -4.78
CA GLN A 257 28.59 -16.23 -3.81
C GLN A 257 27.20 -16.85 -3.89
N PHE A 258 26.55 -17.01 -2.74
CA PHE A 258 25.22 -17.60 -2.74
C PHE A 258 24.19 -16.61 -3.27
N THR A 259 23.20 -17.16 -3.97
CA THR A 259 22.15 -16.40 -4.63
C THR A 259 20.92 -17.29 -4.76
N GLY A 260 19.86 -16.73 -5.31
CA GLY A 260 18.63 -17.46 -5.53
C GLY A 260 17.36 -16.74 -5.15
N ILE A 261 16.23 -17.34 -5.53
CA ILE A 261 14.94 -16.78 -5.18
C ILE A 261 14.82 -16.67 -3.67
N ASP A 262 15.13 -17.77 -2.96
CA ASP A 262 15.03 -17.79 -1.51
C ASP A 262 15.93 -16.72 -0.89
N VAL A 263 17.18 -16.66 -1.34
CA VAL A 263 18.10 -15.66 -0.82
C VAL A 263 17.59 -14.26 -1.13
N ASP A 264 17.32 -13.98 -2.40
CA ASP A 264 16.93 -12.62 -2.78
C ASP A 264 15.63 -12.23 -2.11
N LEU A 265 14.63 -13.11 -2.10
CA LEU A 265 13.33 -12.74 -1.54
C LEU A 265 13.42 -12.47 -0.05
N LEU A 266 14.03 -13.40 0.72
CA LEU A 266 14.07 -13.24 2.17
C LEU A 266 14.89 -12.02 2.57
N ASN A 267 16.05 -11.84 1.95
CA ASN A 267 16.81 -10.60 2.17
C ASN A 267 15.96 -9.38 1.84
N ALA A 268 15.22 -9.44 0.73
CA ALA A 268 14.36 -8.34 0.34
C ALA A 268 13.25 -8.12 1.36
N ILE A 269 12.70 -9.20 1.90
CA ILE A 269 11.68 -9.07 2.94
C ILE A 269 12.25 -8.36 4.16
N ALA A 270 13.45 -8.77 4.60
CA ALA A 270 14.08 -8.20 5.79
C ALA A 270 14.43 -6.74 5.59
N LYS A 271 15.05 -6.40 4.45
CA LYS A 271 15.31 -5.00 4.17
C LYS A 271 14.05 -4.16 4.31
N ASN A 272 12.93 -4.68 3.82
CA ASN A 272 11.68 -3.95 3.89
C ASN A 272 11.20 -3.81 5.31
N GLN A 273 11.53 -4.76 6.15
CA GLN A 273 11.08 -4.69 7.52
C GLN A 273 12.13 -4.09 8.44
N GLY A 274 13.37 -3.93 7.96
CA GLY A 274 14.45 -3.42 8.77
C GLY A 274 15.10 -4.44 9.68
N PHE A 275 14.79 -5.73 9.52
CA PHE A 275 15.49 -6.77 10.25
C PHE A 275 16.83 -7.03 9.61
N LYS A 276 17.74 -7.61 10.40
CA LYS A 276 19.03 -8.09 9.93
C LYS A 276 19.10 -9.62 10.05
N LEU A 277 19.65 -10.26 9.01
CA LEU A 277 19.69 -11.70 8.89
C LEU A 277 21.13 -12.15 8.69
N LYS A 278 21.45 -13.34 9.21
CA LYS A 278 22.69 -14.05 8.92
C LYS A 278 22.37 -15.42 8.37
N TRP A 279 22.87 -15.72 7.19
CA TRP A 279 22.62 -16.96 6.49
C TRP A 279 23.66 -18.04 6.82
N ASN A 280 23.21 -19.30 6.86
CA ASN A 280 24.07 -20.48 7.01
C ASN A 280 23.62 -21.56 6.03
N PHE A 281 24.28 -21.67 4.88
CA PHE A 281 23.86 -22.61 3.84
C PHE A 281 24.48 -23.97 4.12
N ILE A 282 23.88 -24.68 5.08
CA ILE A 282 24.42 -25.93 5.58
C ILE A 282 23.75 -27.17 4.99
N GLY A 283 22.60 -27.02 4.36
CA GLY A 283 21.91 -28.19 3.87
C GLY A 283 20.55 -28.34 4.50
N PHE A 284 19.56 -28.75 3.69
CA PHE A 284 18.17 -28.76 4.12
C PHE A 284 17.97 -29.48 5.44
N GLN A 285 18.44 -30.73 5.52
CA GLN A 285 18.25 -31.46 6.77
C GLN A 285 19.02 -30.79 7.90
N ALA A 286 20.23 -30.31 7.61
CA ALA A 286 20.98 -29.60 8.62
C ALA A 286 20.23 -28.36 9.09
N ALA A 287 19.58 -27.67 8.16
CA ALA A 287 18.77 -26.53 8.56
C ALA A 287 17.63 -26.96 9.46
N VAL A 288 16.94 -28.04 9.09
CA VAL A 288 15.85 -28.57 9.91
C VAL A 288 16.30 -28.80 11.35
N ASP A 289 17.38 -29.53 11.52
CA ASP A 289 17.83 -29.87 12.86
C ASP A 289 18.25 -28.62 13.62
N SER A 290 18.86 -27.65 12.91
CA SER A 290 19.38 -26.46 13.56
C SER A 290 18.25 -25.58 14.09
N VAL A 291 17.21 -25.38 13.27
CA VAL A 291 16.00 -24.72 13.75
C VAL A 291 15.37 -25.53 14.90
N GLN A 292 15.28 -26.84 14.75
CA GLN A 292 14.63 -27.63 15.78
C GLN A 292 15.41 -27.63 17.07
N SER A 293 16.72 -27.57 16.99
CA SER A 293 17.55 -27.60 18.19
C SER A 293 17.74 -26.22 18.78
N GLY A 294 17.15 -25.20 18.20
CA GLY A 294 17.32 -23.86 18.74
C GLY A 294 18.65 -23.22 18.45
N HIS A 295 19.29 -23.58 17.35
CA HIS A 295 20.57 -23.01 16.94
CA HIS A 295 20.56 -22.96 16.98
C HIS A 295 20.46 -22.13 15.70
N ALA A 296 19.30 -22.09 15.07
CA ALA A 296 18.99 -21.22 13.95
C ALA A 296 17.64 -20.62 14.27
N ASP A 297 17.40 -19.39 13.79
CA ASP A 297 16.14 -18.75 14.12
C ASP A 297 15.03 -19.21 13.20
N GLY A 298 15.35 -19.47 11.93
CA GLY A 298 14.40 -19.91 10.93
C GLY A 298 15.14 -20.46 9.73
N MET A 299 14.40 -20.95 8.76
CA MET A 299 15.00 -21.49 7.55
C MET A 299 14.18 -21.10 6.33
N MET A 300 14.89 -20.85 5.24
CA MET A 300 14.35 -20.49 3.91
C MET A 300 15.10 -21.43 2.97
N SER A 301 14.48 -22.51 2.57
CA SER A 301 15.25 -23.50 1.84
C SER A 301 14.32 -24.35 0.98
N GLY A 302 13.49 -23.68 0.17
CA GLY A 302 12.52 -24.31 -0.71
C GLY A 302 11.70 -25.36 0.00
N MET A 303 11.16 -25.03 1.17
CA MET A 303 10.57 -26.03 2.05
C MET A 303 9.07 -26.15 1.83
N SER A 304 8.61 -27.34 1.48
CA SER A 304 7.17 -27.55 1.34
C SER A 304 6.47 -27.53 2.69
N ILE A 305 5.36 -26.83 2.71
CA ILE A 305 4.51 -26.68 3.89
C ILE A 305 3.63 -27.91 3.98
N THR A 306 3.76 -28.67 5.08
CA THR A 306 2.97 -29.89 5.25
C THR A 306 2.44 -30.00 6.66
N ASP A 307 1.36 -30.77 6.80
CA ASP A 307 0.76 -30.95 8.11
C ASP A 307 1.75 -31.61 9.07
N ALA A 308 2.55 -32.53 8.57
CA ALA A 308 3.53 -33.15 9.44
C ALA A 308 4.56 -32.13 9.93
N ARG A 309 5.05 -31.28 9.05
CA ARG A 309 6.00 -30.27 9.48
C ARG A 309 5.34 -29.25 10.39
N LYS A 310 4.05 -29.02 10.21
CA LYS A 310 3.34 -28.10 11.07
C LYS A 310 3.31 -28.59 12.51
N GLN A 311 3.67 -29.84 12.76
CA GLN A 311 3.70 -30.29 14.15
C GLN A 311 4.87 -29.66 14.91
N VAL A 312 5.91 -29.21 14.22
CA VAL A 312 7.12 -28.75 14.88
C VAL A 312 7.57 -27.40 14.36
N PHE A 313 7.04 -26.97 13.22
CA PHE A 313 7.35 -25.64 12.71
C PHE A 313 6.12 -24.75 12.73
N ASP A 314 6.38 -23.44 12.74
CA ASP A 314 5.42 -22.42 12.37
C ASP A 314 5.79 -21.88 11.00
N TYR A 315 4.80 -21.59 10.19
CA TYR A 315 5.04 -21.13 8.84
C TYR A 315 4.50 -19.71 8.65
N GLY A 316 5.18 -18.91 7.83
CA GLY A 316 4.60 -17.68 7.33
C GLY A 316 3.61 -17.96 6.22
N SER A 317 3.04 -16.90 5.66
CA SER A 317 2.18 -17.09 4.50
C SER A 317 2.95 -17.80 3.38
N PRO A 318 2.28 -18.60 2.56
CA PRO A 318 3.00 -19.29 1.49
C PRO A 318 3.57 -18.29 0.52
N TYR A 319 4.79 -18.58 0.02
CA TYR A 319 5.42 -17.65 -0.89
C TYR A 319 5.70 -18.20 -2.29
N TYR A 320 5.51 -19.50 -2.53
CA TYR A 320 5.75 -20.01 -3.88
C TYR A 320 4.85 -21.23 -4.11
N SER A 321 4.23 -21.27 -5.30
CA SER A 321 3.37 -22.39 -5.69
C SER A 321 4.20 -23.41 -6.44
N SER A 322 4.57 -24.49 -5.76
CA SER A 322 5.48 -25.47 -6.32
C SER A 322 4.73 -26.39 -7.28
N ASN A 323 5.21 -26.47 -8.53
CA ASN A 323 4.52 -27.20 -9.57
C ASN A 323 5.45 -28.24 -10.19
N LEU A 324 4.85 -29.29 -10.71
CA LEU A 324 5.53 -30.25 -11.58
C LEU A 324 5.13 -30.04 -13.02
N THR A 325 6.10 -30.06 -13.93
CA THR A 325 5.83 -29.75 -15.33
C THR A 325 6.70 -30.62 -16.22
N ILE A 326 6.25 -30.81 -17.44
CA ILE A 326 6.98 -31.56 -18.45
C ILE A 326 7.95 -30.64 -19.18
N ALA A 327 9.14 -31.16 -19.44
CA ALA A 327 10.12 -30.52 -20.31
C ALA A 327 10.22 -31.34 -21.58
N THR A 328 10.18 -30.66 -22.73
CA THR A 328 10.44 -31.27 -24.02
C THR A 328 11.59 -30.55 -24.69
N SER A 329 12.05 -31.11 -25.80
CA SER A 329 13.00 -30.39 -26.64
C SER A 329 12.27 -29.23 -27.32
N SER A 330 12.91 -28.07 -27.32
CA SER A 330 12.21 -26.91 -27.87
C SER A 330 12.04 -26.98 -29.38
N THR A 331 12.53 -28.03 -30.03
CA THR A 331 12.40 -28.23 -31.47
C THR A 331 11.50 -29.41 -31.83
N ASP A 332 10.77 -29.97 -30.87
CA ASP A 332 9.99 -31.20 -31.05
C ASP A 332 8.52 -30.81 -31.15
N ASP A 333 8.00 -30.77 -32.38
CA ASP A 333 6.62 -30.38 -32.63
C ASP A 333 5.61 -31.46 -32.26
N SER A 334 6.05 -32.65 -31.87
CA SER A 334 5.17 -33.81 -31.70
C SER A 334 4.58 -33.96 -30.30
N ILE A 335 5.03 -33.18 -29.32
CA ILE A 335 4.47 -33.25 -27.98
C ILE A 335 3.79 -31.93 -27.69
N LYS A 336 2.46 -31.93 -27.73
CA LYS A 336 1.68 -30.73 -27.45
C LYS A 336 0.58 -30.96 -26.42
N SER A 337 0.40 -32.18 -25.93
CA SER A 337 -0.55 -32.47 -24.88
C SER A 337 -0.19 -33.82 -24.27
N TRP A 338 -0.85 -34.14 -23.16
CA TRP A 338 -0.63 -35.45 -22.54
C TRP A 338 -0.94 -36.56 -23.53
N LYS A 339 -2.00 -36.40 -24.32
CA LYS A 339 -2.39 -37.42 -25.28
C LYS A 339 -1.34 -37.59 -26.36
N ASP A 340 -0.49 -36.59 -26.61
CA ASP A 340 0.60 -36.72 -27.58
C ASP A 340 1.75 -37.60 -27.07
N LEU A 341 1.76 -37.96 -25.78
CA LEU A 341 2.84 -38.74 -25.17
C LEU A 341 2.78 -40.24 -25.47
N LYS A 342 1.70 -40.77 -26.05
CA LYS A 342 1.68 -42.18 -26.39
C LYS A 342 2.84 -42.52 -27.31
N GLY A 343 3.57 -43.58 -26.95
CA GLY A 343 4.77 -43.98 -27.66
C GLY A 343 6.06 -43.33 -27.23
N LYS A 344 6.01 -42.34 -26.33
CA LYS A 344 7.19 -41.66 -25.85
C LYS A 344 7.67 -42.25 -24.53
N THR A 345 8.96 -42.11 -24.26
CA THR A 345 9.54 -42.42 -22.96
C THR A 345 9.94 -41.12 -22.28
N LEU A 346 9.63 -41.01 -20.98
CA LEU A 346 9.85 -39.81 -20.21
C LEU A 346 10.75 -40.11 -19.03
N GLY A 347 11.66 -39.19 -18.75
CA GLY A 347 12.55 -39.35 -17.62
C GLY A 347 12.03 -38.69 -16.35
N ALA A 348 12.36 -39.33 -15.22
CA ALA A 348 12.06 -38.78 -13.91
C ALA A 348 13.15 -39.24 -12.94
N LYS A 349 13.41 -38.40 -11.94
CA LYS A 349 14.34 -38.75 -10.88
C LYS A 349 13.71 -39.72 -9.89
N ASN A 350 14.51 -40.68 -9.45
CA ASN A 350 14.06 -41.70 -8.50
C ASN A 350 13.56 -41.08 -7.20
N GLY A 351 12.45 -41.61 -6.70
CA GLY A 351 11.92 -41.23 -5.41
C GLY A 351 11.28 -39.86 -5.31
N THR A 352 10.94 -39.23 -6.43
CA THR A 352 10.34 -37.91 -6.42
C THR A 352 8.84 -37.97 -6.69
N ALA A 353 8.18 -36.83 -6.47
CA ALA A 353 6.79 -36.68 -6.89
C ALA A 353 6.65 -36.77 -8.41
N SER A 354 7.58 -36.14 -9.14
CA SER A 354 7.62 -36.31 -10.59
C SER A 354 7.63 -37.79 -10.92
N PHE A 355 8.50 -38.54 -10.25
CA PHE A 355 8.54 -39.98 -10.45
C PHE A 355 7.18 -40.61 -10.19
N ASP A 356 6.60 -40.30 -9.03
CA ASP A 356 5.36 -40.95 -8.62
C ASP A 356 4.21 -40.58 -9.54
N TYR A 357 4.16 -39.31 -9.97
CA TYR A 357 3.08 -38.88 -10.85
C TYR A 357 3.19 -39.55 -12.21
N LEU A 358 4.40 -39.61 -12.78
CA LEU A 358 4.59 -40.26 -14.07
C LEU A 358 4.16 -41.71 -14.02
N ASN A 359 4.53 -42.40 -12.94
CA ASN A 359 4.16 -43.81 -12.81
C ASN A 359 2.65 -43.97 -12.81
N ALA A 360 1.96 -43.16 -12.01
CA ALA A 360 0.53 -43.33 -11.79
C ALA A 360 -0.31 -43.06 -13.03
N HIS A 361 0.24 -42.35 -14.02
CA HIS A 361 -0.53 -42.07 -15.24
C HIS A 361 0.09 -42.70 -16.47
N ALA A 362 1.13 -43.53 -16.30
CA ALA A 362 1.83 -44.10 -17.46
C ALA A 362 0.92 -45.06 -18.22
N LYS A 363 0.25 -45.96 -17.51
CA LYS A 363 -0.69 -46.87 -18.15
C LYS A 363 -1.81 -46.08 -18.81
N GLU A 364 -2.21 -44.97 -18.19
CA GLU A 364 -3.28 -44.15 -18.74
C GLU A 364 -2.93 -43.65 -20.14
N TYR A 365 -1.83 -42.91 -20.27
CA TYR A 365 -1.54 -42.21 -21.50
C TYR A 365 -0.59 -42.95 -22.44
N GLY A 366 -0.10 -44.12 -22.06
CA GLY A 366 0.66 -44.95 -23.00
C GLY A 366 2.09 -44.50 -23.24
N TYR A 367 2.76 -43.99 -22.22
CA TYR A 367 4.16 -43.66 -22.29
C TYR A 367 4.94 -44.60 -21.39
N THR A 368 6.26 -44.51 -21.48
CA THR A 368 7.17 -45.31 -20.67
C THR A 368 8.04 -44.39 -19.81
N VAL A 369 8.28 -44.81 -18.57
CA VAL A 369 9.00 -43.99 -17.59
C VAL A 369 10.39 -44.59 -17.39
N LYS A 370 11.42 -43.80 -17.68
CA LYS A 370 12.80 -44.18 -17.42
C LYS A 370 13.23 -43.49 -16.15
N THR A 371 13.78 -44.27 -15.23
CA THR A 371 14.16 -43.76 -13.92
C THR A 371 15.60 -43.32 -14.01
N PHE A 372 15.89 -42.15 -13.44
CA PHE A 372 17.23 -41.58 -13.39
C PHE A 372 17.61 -41.35 -11.92
N THR A 373 18.86 -41.61 -11.59
CA THR A 373 19.31 -41.29 -10.25
C THR A 373 20.12 -40.00 -10.21
N ASP A 374 20.63 -39.53 -11.34
CA ASP A 374 21.43 -38.31 -11.37
C ASP A 374 20.73 -37.26 -12.22
N ALA A 375 20.54 -36.07 -11.66
CA ALA A 375 19.78 -35.06 -12.38
C ALA A 375 20.48 -34.66 -13.67
N THR A 376 21.81 -34.64 -13.67
CA THR A 376 22.54 -34.25 -14.87
C THR A 376 22.34 -35.27 -15.99
N THR A 377 22.50 -36.56 -15.68
CA THR A 377 22.29 -37.57 -16.71
C THR A 377 20.84 -37.54 -17.22
N MET A 378 19.90 -37.08 -16.41
CA MET A 378 18.54 -36.95 -16.93
C MET A 378 18.49 -35.86 -18.00
N TYR A 379 18.97 -34.65 -17.66
CA TYR A 379 18.89 -33.53 -18.59
C TYR A 379 19.81 -33.71 -19.80
N SER A 380 20.90 -34.44 -19.64
CA SER A 380 21.70 -34.74 -20.82
C SER A 380 20.94 -35.65 -21.76
N SER A 381 20.11 -36.53 -21.21
CA SER A 381 19.38 -37.49 -22.02
C SER A 381 18.27 -36.82 -22.80
N LEU A 382 17.62 -35.81 -22.22
CA LEU A 382 16.68 -35.03 -23.03
C LEU A 382 17.44 -34.30 -24.12
N ASN A 383 18.62 -33.77 -23.78
CA ASN A 383 19.39 -32.97 -24.72
C ASN A 383 19.88 -33.81 -25.89
N ASN A 384 20.27 -35.06 -25.66
CA ASN A 384 20.75 -35.93 -26.73
C ASN A 384 19.64 -36.79 -27.33
N GLY A 385 18.42 -36.70 -26.81
CA GLY A 385 17.28 -37.40 -27.35
C GLY A 385 17.11 -38.84 -26.94
N SER A 386 17.92 -39.35 -26.01
CA SER A 386 17.71 -40.72 -25.53
C SER A 386 16.40 -40.86 -24.79
N ILE A 387 15.85 -39.75 -24.29
CA ILE A 387 14.46 -39.70 -23.84
C ILE A 387 13.76 -38.58 -24.59
N ASN A 388 12.43 -38.68 -24.63
CA ASN A 388 11.61 -37.71 -25.36
C ASN A 388 11.23 -36.50 -24.50
N ALA A 389 11.14 -36.67 -23.19
CA ALA A 389 10.71 -35.62 -22.28
C ALA A 389 11.09 -36.01 -20.87
N LEU A 390 11.00 -35.04 -19.97
CA LEU A 390 11.16 -35.31 -18.55
C LEU A 390 10.10 -34.53 -17.78
N MET A 391 9.98 -34.88 -16.50
CA MET A 391 9.18 -34.14 -15.55
C MET A 391 10.01 -33.79 -14.32
N ASP A 392 9.86 -32.56 -13.84
CA ASP A 392 10.63 -32.07 -12.71
C ASP A 392 9.86 -30.91 -12.08
N ASP A 393 10.43 -30.34 -11.02
CA ASP A 393 9.88 -29.11 -10.47
C ASP A 393 9.93 -28.01 -11.51
N GLU A 394 8.79 -27.31 -11.68
CA GLU A 394 8.69 -26.23 -12.66
C GLU A 394 9.83 -25.22 -12.57
N PRO A 395 10.16 -24.65 -11.40
CA PRO A 395 11.23 -23.62 -11.40
C PRO A 395 12.60 -24.14 -11.84
N VAL A 396 12.91 -25.41 -11.58
CA VAL A 396 14.18 -25.97 -12.05
C VAL A 396 14.23 -25.99 -13.57
N ILE A 397 13.11 -26.31 -14.20
CA ILE A 397 13.10 -26.38 -15.66
C ILE A 397 13.19 -24.98 -16.23
N LYS A 398 12.42 -24.04 -15.67
CA LYS A 398 12.48 -22.67 -16.17
C LYS A 398 13.86 -22.07 -15.99
N TYR A 399 14.49 -22.31 -14.85
CA TYR A 399 15.83 -21.79 -14.66
C TYR A 399 16.78 -22.44 -15.65
N ALA A 400 16.65 -23.74 -15.88
CA ALA A 400 17.48 -24.40 -16.88
C ALA A 400 17.26 -23.81 -18.27
N ILE A 401 16.04 -23.35 -18.54
CA ILE A 401 15.77 -22.73 -19.83
C ILE A 401 16.39 -21.35 -19.88
N LYS A 402 16.20 -20.55 -18.83
CA LYS A 402 16.83 -19.23 -18.81
C LYS A 402 18.35 -19.34 -18.87
N GLN A 403 18.92 -20.37 -18.25
CA GLN A 403 20.34 -20.55 -18.39
C GLN A 403 20.74 -21.04 -19.77
N GLY A 404 19.80 -21.43 -20.61
CA GLY A 404 20.09 -21.70 -22.01
C GLY A 404 19.76 -23.09 -22.53
N GLN A 405 19.40 -24.06 -21.69
CA GLN A 405 18.99 -25.35 -22.22
C GLN A 405 17.83 -25.17 -23.19
N LYS A 406 17.88 -25.88 -24.31
CA LYS A 406 16.91 -25.71 -25.39
C LYS A 406 15.67 -26.57 -25.11
N PHE A 407 14.89 -26.11 -24.13
CA PHE A 407 13.70 -26.83 -23.70
C PHE A 407 12.46 -25.99 -23.87
N ALA A 408 11.32 -26.67 -23.78
CA ALA A 408 10.02 -26.04 -23.86
C ALA A 408 9.08 -26.79 -22.94
N THR A 409 8.05 -26.09 -22.47
CA THR A 409 7.05 -26.65 -21.58
C THR A 409 5.69 -26.55 -22.25
N PRO A 410 5.28 -27.58 -22.99
CA PRO A 410 4.03 -27.49 -23.75
C PRO A 410 2.77 -27.78 -22.92
N ILE A 411 2.90 -28.43 -21.77
CA ILE A 411 1.73 -28.93 -21.07
C ILE A 411 1.57 -28.19 -19.76
N LYS A 412 0.31 -28.01 -19.37
CA LYS A 412 -0.01 -27.24 -18.17
C LYS A 412 0.49 -28.02 -16.96
N PRO A 413 1.08 -27.33 -15.98
CA PRO A 413 1.74 -28.03 -14.87
C PRO A 413 0.77 -28.61 -13.85
N ILE A 414 1.33 -29.38 -12.94
CA ILE A 414 0.64 -30.10 -11.88
C ILE A 414 0.97 -29.41 -10.57
N PRO A 415 -0.02 -28.91 -9.82
CA PRO A 415 0.28 -28.32 -8.52
C PRO A 415 0.78 -29.37 -7.55
N ASP A 416 1.81 -28.99 -6.78
CA ASP A 416 2.47 -29.85 -5.82
C ASP A 416 2.88 -28.98 -4.64
N GLY A 417 1.88 -28.44 -3.96
CA GLY A 417 2.15 -27.77 -2.70
C GLY A 417 2.73 -26.38 -2.82
N GLN A 418 3.18 -25.90 -1.65
CA GLN A 418 3.62 -24.52 -1.51
C GLN A 418 4.84 -24.44 -0.60
N TYR A 419 5.77 -23.57 -0.97
CA TYR A 419 6.94 -23.30 -0.14
C TYR A 419 6.62 -22.28 0.95
N GLY A 420 7.29 -22.44 2.08
CA GLY A 420 7.04 -21.60 3.24
C GLY A 420 8.32 -21.33 4.01
N PHE A 421 8.34 -20.17 4.66
CA PHE A 421 9.35 -19.83 5.65
C PHE A 421 8.97 -20.45 6.99
N ALA A 422 9.96 -20.98 7.70
CA ALA A 422 9.66 -21.75 8.89
C ALA A 422 10.50 -21.28 10.07
N VAL A 423 9.87 -21.30 11.24
CA VAL A 423 10.52 -21.18 12.52
C VAL A 423 10.04 -22.37 13.34
N LYS A 424 10.81 -22.70 14.38
CA LYS A 424 10.37 -23.71 15.33
C LYS A 424 9.05 -23.30 15.95
N LYS A 425 8.13 -24.26 16.06
CA LYS A 425 6.80 -23.92 16.53
C LYS A 425 6.87 -23.17 17.86
N GLY A 426 6.19 -22.02 17.91
CA GLY A 426 6.11 -21.15 19.05
C GLY A 426 7.34 -20.29 19.29
N SER A 427 8.35 -20.40 18.46
CA SER A 427 9.53 -19.56 18.58
C SER A 427 9.44 -18.37 17.63
N ASN A 428 10.05 -17.27 18.05
CA ASN A 428 10.34 -16.16 17.17
C ASN A 428 9.12 -15.60 16.42
N PRO A 429 7.98 -15.40 17.11
CA PRO A 429 6.77 -14.91 16.39
C PRO A 429 6.96 -13.63 15.60
N GLU A 430 7.80 -12.70 16.07
CA GLU A 430 8.04 -11.49 15.31
C GLU A 430 8.73 -11.79 13.97
N LEU A 431 9.31 -12.97 13.81
CA LEU A 431 9.95 -13.31 12.55
C LEU A 431 8.94 -13.77 11.51
N ILE A 432 7.95 -14.58 11.94
CA ILE A 432 6.80 -14.88 11.08
C ILE A 432 6.06 -13.58 10.71
N GLU A 433 5.87 -12.68 11.67
CA GLU A 433 5.28 -11.39 11.35
C GLU A 433 6.05 -10.69 10.27
N MET A 434 7.36 -10.51 10.47
CA MET A 434 8.14 -9.75 9.50
C MET A 434 8.16 -10.44 8.16
N PHE A 435 8.00 -11.77 8.13
CA PHE A 435 7.91 -12.42 6.82
C PHE A 435 6.58 -12.11 6.15
N ASN A 436 5.48 -12.25 6.88
CA ASN A 436 4.19 -12.00 6.27
C ASN A 436 4.04 -10.54 5.85
N ASN A 437 4.40 -9.59 6.73
CA ASN A 437 4.32 -8.17 6.36
C ASN A 437 5.16 -7.86 5.14
N GLY A 438 6.45 -8.23 5.21
CA GLY A 438 7.34 -7.93 4.10
C GLY A 438 6.89 -8.59 2.82
N LEU A 439 6.41 -9.83 2.90
CA LEU A 439 5.95 -10.49 1.69
C LEU A 439 4.78 -9.75 1.08
N ALA A 440 3.79 -9.38 1.90
CA ALA A 440 2.65 -8.60 1.42
C ALA A 440 3.09 -7.35 0.66
N ASN A 441 4.04 -6.61 1.23
CA ASN A 441 4.48 -5.36 0.63
C ASN A 441 5.25 -5.61 -0.67
N LEU A 442 6.12 -6.63 -0.71
CA LEU A 442 6.86 -6.86 -1.95
C LEU A 442 5.97 -7.41 -3.05
N ARG A 443 4.85 -8.03 -2.69
CA ARG A 443 3.90 -8.42 -3.72
C ARG A 443 3.19 -7.22 -4.33
N ALA A 444 3.00 -6.17 -3.53
CA ALA A 444 2.25 -4.99 -4.00
C ALA A 444 3.11 -4.10 -4.88
N ASN A 445 4.36 -3.80 -4.47
CA ASN A 445 5.22 -2.96 -5.30
C ASN A 445 5.90 -3.72 -6.43
N GLY A 446 5.78 -5.03 -6.46
CA GLY A 446 6.33 -5.84 -7.53
C GLY A 446 7.73 -6.39 -7.32
N GLU A 447 8.39 -6.09 -6.19
CA GLU A 447 9.70 -6.69 -5.93
C GLU A 447 9.63 -8.20 -5.96
N TYR A 448 8.54 -8.76 -5.47
CA TYR A 448 8.29 -10.19 -5.52
C TYR A 448 8.40 -10.73 -6.96
N ASP A 449 7.53 -10.29 -7.85
CA ASP A 449 7.59 -10.79 -9.22
C ASP A 449 8.95 -10.52 -9.85
N LYS A 450 9.56 -9.38 -9.53
CA LYS A 450 10.86 -9.04 -10.10
C LYS A 450 11.92 -10.04 -9.67
N ILE A 451 11.89 -10.45 -8.40
CA ILE A 451 12.84 -11.46 -7.96
C ILE A 451 12.57 -12.78 -8.69
N ILE A 452 11.31 -13.18 -8.80
CA ILE A 452 10.98 -14.45 -9.44
C ILE A 452 11.41 -14.44 -10.91
N ASP A 453 11.00 -13.40 -11.66
CA ASP A 453 11.36 -13.33 -13.07
C ASP A 453 12.87 -13.33 -13.27
N LYS A 454 13.62 -12.82 -12.29
CA LYS A 454 15.08 -12.80 -12.35
C LYS A 454 15.66 -14.18 -12.61
N TYR A 455 15.02 -15.22 -12.08
CA TYR A 455 15.54 -16.57 -12.21
C TYR A 455 14.77 -17.41 -13.21
N LEU A 456 13.51 -17.10 -13.48
CA LEU A 456 12.67 -18.01 -14.24
C LEU A 456 12.12 -17.49 -15.57
N GLU A 457 12.23 -16.18 -15.86
N GLU A 457 12.21 -16.20 -15.88
CA GLU A 457 11.73 -15.58 -17.10
CA GLU A 457 11.64 -15.70 -17.12
C GLU A 457 12.82 -15.59 -18.15
C GLU A 457 12.73 -15.51 -18.16
N SER A 458 12.47 -16.02 -19.37
CA SER A 458 13.50 -16.24 -20.39
C SER A 458 13.50 -15.24 -21.53
N ASP A 459 13.27 -15.74 -22.75
CA ASP A 459 13.62 -15.08 -24.02
C ASP A 459 15.10 -14.62 -23.98
N THR B 4 4.24 -20.24 -40.69
CA THR B 4 3.23 -20.20 -39.62
C THR B 4 3.80 -19.47 -38.38
N THR B 5 4.64 -18.48 -38.66
CA THR B 5 5.11 -17.53 -37.68
C THR B 5 4.14 -16.36 -37.61
N VAL B 6 3.75 -15.96 -36.41
CA VAL B 6 2.86 -14.81 -36.23
C VAL B 6 3.72 -13.57 -36.07
N LYS B 7 3.66 -12.69 -37.09
CA LYS B 7 4.43 -11.45 -37.13
C LYS B 7 3.54 -10.30 -36.70
N ILE B 8 3.88 -9.68 -35.58
CA ILE B 8 3.16 -8.55 -35.01
C ILE B 8 4.09 -7.34 -35.04
N ALA B 9 3.57 -6.20 -35.52
CA ALA B 9 4.34 -4.98 -35.56
C ALA B 9 3.91 -4.04 -34.45
N SER B 10 4.83 -3.18 -34.03
CA SER B 10 4.63 -2.30 -32.90
C SER B 10 5.45 -1.02 -33.10
N ASP B 11 5.31 -0.10 -32.14
CA ASP B 11 6.04 1.15 -32.21
C ASP B 11 7.48 0.94 -31.77
N SER B 12 8.32 1.91 -32.11
CA SER B 12 9.76 1.83 -31.89
C SER B 12 10.20 2.44 -30.58
N SER B 13 9.33 3.22 -29.93
CA SER B 13 9.61 3.79 -28.61
C SER B 13 8.35 4.35 -27.96
N TYR B 14 7.80 3.66 -26.94
CA TYR B 14 6.53 4.10 -26.40
C TYR B 14 6.42 3.71 -24.92
N ALA B 15 7.02 4.57 -24.07
CA ALA B 15 6.55 4.91 -22.72
C ALA B 15 6.65 3.64 -21.91
N PRO B 16 5.63 3.02 -21.32
CA PRO B 16 5.85 1.65 -20.84
C PRO B 16 5.30 0.54 -21.74
N PHE B 17 4.80 0.86 -22.93
CA PHE B 17 4.11 -0.17 -23.70
C PHE B 17 5.06 -0.97 -24.56
N GLU B 18 5.98 -0.30 -25.24
CA GLU B 18 7.05 -0.99 -25.93
C GLU B 18 8.24 -0.06 -25.95
N PHE B 19 9.39 -0.58 -25.55
CA PHE B 19 10.62 0.21 -25.50
C PHE B 19 11.78 -0.72 -25.20
N GLN B 20 12.99 -0.21 -25.41
CA GLN B 20 14.20 -0.97 -25.18
C GLN B 20 14.83 -0.57 -23.86
N ASN B 21 15.30 -1.56 -23.11
CA ASN B 21 15.94 -1.29 -21.84
C ASN B 21 17.44 -1.09 -22.08
N GLY B 22 18.22 -1.01 -21.00
CA GLY B 22 19.65 -0.78 -21.18
C GLY B 22 20.36 -1.86 -21.96
N GLN B 23 19.75 -3.04 -22.10
CA GLN B 23 20.36 -4.14 -22.83
C GLN B 23 19.89 -4.20 -24.27
N LYS B 24 19.23 -3.14 -24.76
CA LYS B 24 18.58 -3.08 -26.07
C LYS B 24 17.54 -4.18 -26.24
N LYS B 25 17.03 -4.69 -25.13
CA LYS B 25 15.99 -5.71 -25.14
C LYS B 25 14.62 -5.05 -25.19
N TRP B 26 13.75 -5.59 -26.03
CA TRP B 26 12.43 -5.03 -26.17
C TRP B 26 11.56 -5.48 -25.01
N VAL B 27 10.87 -4.54 -24.37
CA VAL B 27 10.12 -4.81 -23.15
C VAL B 27 8.96 -3.82 -23.09
N GLY B 28 8.07 -4.02 -22.11
CA GLY B 28 6.90 -3.19 -21.97
C GLY B 28 5.62 -4.01 -21.87
N ILE B 29 4.51 -3.30 -21.67
CA ILE B 29 3.23 -3.98 -21.48
C ILE B 29 2.77 -4.67 -22.75
N ASP B 30 2.77 -3.99 -23.90
CA ASP B 30 2.35 -4.64 -25.14
C ASP B 30 3.21 -5.86 -25.42
N VAL B 31 4.54 -5.71 -25.22
CA VAL B 31 5.46 -6.80 -25.51
C VAL B 31 5.17 -7.98 -24.61
N ASP B 32 5.05 -7.73 -23.31
CA ASP B 32 4.77 -8.80 -22.37
C ASP B 32 3.44 -9.46 -22.66
N ILE B 33 2.38 -8.67 -22.86
CA ILE B 33 1.07 -9.23 -23.14
C ILE B 33 1.13 -10.03 -24.45
N MET B 34 1.70 -9.45 -25.49
CA MET B 34 1.76 -10.15 -26.77
C MET B 34 2.50 -11.46 -26.61
N GLN B 35 3.58 -11.46 -25.83
CA GLN B 35 4.40 -12.66 -25.73
C GLN B 35 3.66 -13.79 -25.01
N GLU B 36 2.86 -13.45 -23.98
CA GLU B 36 2.15 -14.50 -23.27
C GLU B 36 1.02 -15.04 -24.12
N VAL B 37 0.33 -14.17 -24.85
CA VAL B 37 -0.72 -14.62 -25.75
C VAL B 37 -0.17 -15.66 -26.72
N ALA B 38 1.01 -15.40 -27.26
CA ALA B 38 1.63 -16.39 -28.14
C ALA B 38 1.82 -17.72 -27.42
N LYS B 39 2.33 -17.66 -26.18
CA LYS B 39 2.60 -18.90 -25.44
C LYS B 39 1.31 -19.67 -25.18
N ILE B 40 0.26 -18.96 -24.74
CA ILE B 40 -1.02 -19.61 -24.47
C ILE B 40 -1.60 -20.24 -25.72
N ASN B 41 -1.29 -19.69 -26.91
CA ASN B 41 -1.86 -20.18 -28.15
C ASN B 41 -0.90 -21.05 -28.96
N ASP B 42 0.30 -21.34 -28.43
CA ASP B 42 1.30 -22.08 -29.17
C ASP B 42 1.63 -21.41 -30.50
N TRP B 43 1.75 -20.09 -30.49
CA TRP B 43 2.16 -19.35 -31.69
C TRP B 43 3.65 -19.06 -31.63
N LYS B 44 4.29 -19.07 -32.80
CA LYS B 44 5.69 -18.62 -32.90
C LYS B 44 5.66 -17.11 -33.19
N LEU B 45 5.97 -16.30 -32.20
CA LEU B 45 5.78 -14.86 -32.28
C LEU B 45 7.02 -14.16 -32.82
N GLU B 46 6.83 -13.31 -33.80
CA GLU B 46 7.89 -12.48 -34.38
C GLU B 46 7.49 -11.01 -34.27
N MET B 47 8.01 -10.36 -33.24
CA MET B 47 7.70 -8.97 -33.04
C MET B 47 8.56 -8.13 -33.96
N SER B 48 8.01 -7.01 -34.40
CA SER B 48 8.81 -6.00 -35.07
C SER B 48 8.37 -4.64 -34.57
N TYR B 49 9.27 -3.67 -34.58
CA TYR B 49 9.05 -2.37 -33.94
C TYR B 49 9.41 -1.23 -34.88
N PRO B 50 8.78 -1.14 -36.05
CA PRO B 50 9.12 -0.06 -36.98
C PRO B 50 8.62 1.30 -36.55
N GLY B 51 7.67 1.35 -35.64
CA GLY B 51 6.96 2.55 -35.25
C GLY B 51 5.53 2.50 -35.73
N PHE B 52 4.64 3.22 -35.00
CA PHE B 52 3.20 3.04 -35.17
C PHE B 52 2.75 3.21 -36.61
N ASP B 53 3.24 4.24 -37.29
CA ASP B 53 2.78 4.46 -38.65
C ASP B 53 3.22 3.36 -39.58
N ALA B 54 4.49 2.96 -39.51
CA ALA B 54 4.97 1.90 -40.38
C ALA B 54 4.23 0.60 -40.10
N ALA B 55 3.92 0.35 -38.83
CA ALA B 55 3.19 -0.85 -38.49
C ALA B 55 1.88 -0.91 -39.27
N LEU B 56 1.16 0.21 -39.33
CA LEU B 56 -0.07 0.25 -40.10
C LEU B 56 0.17 0.00 -41.59
N GLN B 57 1.22 0.60 -42.14
CA GLN B 57 1.51 0.38 -43.55
C GLN B 57 1.75 -1.10 -43.81
N ASN B 58 2.59 -1.71 -42.99
CA ASN B 58 2.96 -3.11 -43.20
C ASN B 58 1.76 -4.00 -42.98
N LEU B 59 0.93 -3.68 -41.99
CA LEU B 59 -0.30 -4.42 -41.81
C LEU B 59 -1.17 -4.33 -43.06
N LYS B 60 -1.37 -3.12 -43.57
CA LYS B 60 -2.20 -2.96 -44.77
C LYS B 60 -1.57 -3.63 -45.98
N ALA B 61 -0.24 -3.61 -46.09
CA ALA B 61 0.44 -4.26 -47.19
C ALA B 61 0.48 -5.78 -47.07
N GLY B 62 -0.04 -6.35 -45.98
CA GLY B 62 0.04 -7.78 -45.82
C GLY B 62 1.42 -8.33 -45.51
N GLN B 63 2.42 -7.48 -45.28
CA GLN B 63 3.71 -7.94 -44.82
C GLN B 63 3.71 -8.39 -43.38
N VAL B 64 2.64 -8.12 -42.64
CA VAL B 64 2.56 -8.36 -41.21
C VAL B 64 1.16 -8.86 -40.85
N ASP B 65 1.07 -9.67 -39.78
CA ASP B 65 -0.20 -10.27 -39.39
C ASP B 65 -1.03 -9.36 -38.50
N GLY B 66 -0.41 -8.61 -37.58
CA GLY B 66 -1.22 -7.81 -36.68
C GLY B 66 -0.39 -6.75 -36.02
N ILE B 67 -1.06 -5.94 -35.18
CA ILE B 67 -0.44 -4.82 -34.48
C ILE B 67 -0.82 -4.88 -33.01
N ILE B 68 0.13 -4.55 -32.15
CA ILE B 68 -0.19 -4.18 -30.78
C ILE B 68 0.79 -3.06 -30.45
N ALA B 69 0.26 -1.86 -30.29
CA ALA B 69 1.11 -0.69 -30.21
C ALA B 69 0.34 0.51 -29.66
N GLY B 70 -0.29 0.35 -28.49
CA GLY B 70 -1.15 1.38 -27.91
C GLY B 70 -2.11 1.96 -28.92
N MET B 71 -2.79 1.08 -29.65
CA MET B 71 -3.67 1.46 -30.74
C MET B 71 -5.09 1.64 -30.23
N THR B 72 -5.61 2.86 -30.33
CA THR B 72 -6.94 3.16 -29.82
C THR B 72 -8.01 2.55 -30.72
N ILE B 73 -9.02 1.95 -30.09
CA ILE B 73 -10.16 1.38 -30.82
C ILE B 73 -11.12 2.50 -31.19
N THR B 74 -11.46 2.59 -32.47
CA THR B 74 -12.20 3.71 -33.02
C THR B 74 -13.21 3.23 -34.06
N ASP B 75 -14.36 3.89 -34.15
CA ASP B 75 -15.36 3.47 -35.14
C ASP B 75 -14.85 3.62 -36.56
N GLU B 76 -14.20 4.76 -36.87
CA GLU B 76 -13.59 4.96 -38.18
C GLU B 76 -12.58 3.85 -38.49
N ARG B 77 -11.79 3.46 -37.50
CA ARG B 77 -10.79 2.45 -37.73
C ARG B 77 -11.40 1.05 -37.86
N LYS B 78 -12.61 0.85 -37.32
CA LYS B 78 -13.28 -0.44 -37.50
C LYS B 78 -13.69 -0.68 -38.93
N GLU B 79 -13.66 0.37 -39.76
CA GLU B 79 -13.89 0.25 -41.17
C GLU B 79 -12.73 -0.43 -41.88
N THR B 80 -11.54 -0.36 -41.32
CA THR B 80 -10.37 -0.92 -41.96
C THR B 80 -9.82 -2.14 -41.23
N PHE B 81 -9.95 -2.21 -39.91
CA PHE B 81 -9.36 -3.24 -39.07
C PHE B 81 -10.43 -3.98 -38.26
N ASP B 82 -10.06 -5.16 -37.80
CA ASP B 82 -10.78 -5.85 -36.74
C ASP B 82 -9.93 -5.82 -35.48
N PHE B 83 -10.56 -5.52 -34.35
CA PHE B 83 -9.87 -5.38 -33.07
C PHE B 83 -10.21 -6.49 -32.09
N SER B 84 -9.29 -6.71 -31.15
CA SER B 84 -9.59 -7.51 -29.97
C SER B 84 -10.43 -6.70 -28.99
N ASN B 85 -10.83 -7.33 -27.89
CA ASN B 85 -11.36 -6.55 -26.79
C ASN B 85 -10.26 -5.63 -26.27
N PRO B 86 -10.60 -4.47 -25.72
CA PRO B 86 -9.57 -3.62 -25.13
C PRO B 86 -8.79 -4.39 -24.07
N TYR B 87 -7.47 -4.30 -24.13
CA TYR B 87 -6.63 -4.90 -23.11
C TYR B 87 -6.12 -3.87 -22.11
N TYR B 88 -6.20 -2.58 -22.46
CA TYR B 88 -5.83 -1.48 -21.59
C TYR B 88 -6.66 -0.24 -21.94
N THR B 89 -7.06 0.51 -20.94
CA THR B 89 -7.77 1.78 -21.13
C THR B 89 -6.98 2.91 -20.48
N SER B 90 -6.31 3.72 -21.29
CA SER B 90 -5.49 4.79 -20.74
C SER B 90 -6.33 5.99 -20.29
N ALA B 91 -5.66 6.98 -19.70
CA ALA B 91 -6.28 8.21 -19.25
C ALA B 91 -5.22 9.30 -19.18
N LEU B 92 -5.67 10.55 -19.16
CA LEU B 92 -4.84 11.75 -19.09
C LEU B 92 -4.89 12.36 -17.69
N THR B 93 -3.79 12.95 -17.26
CA THR B 93 -3.79 13.75 -16.04
C THR B 93 -2.57 14.67 -16.04
N ILE B 94 -2.46 15.48 -14.97
CA ILE B 94 -1.38 16.44 -14.80
C ILE B 94 -0.31 15.87 -13.89
N ALA B 95 0.91 15.85 -14.38
CA ALA B 95 2.08 15.59 -13.56
C ALA B 95 2.61 16.88 -12.96
N THR B 96 3.10 16.78 -11.73
CA THR B 96 3.77 17.86 -11.04
C THR B 96 4.95 17.26 -10.29
N THR B 97 5.89 18.11 -9.91
CA THR B 97 6.95 17.64 -9.02
C THR B 97 6.35 17.16 -7.70
N LYS B 98 7.13 16.30 -7.01
CA LYS B 98 6.65 15.59 -5.82
C LYS B 98 6.14 16.53 -4.73
N ASP B 99 6.79 17.68 -4.54
CA ASP B 99 6.39 18.62 -3.50
C ASP B 99 5.57 19.80 -4.04
N SER B 100 4.77 19.57 -5.08
CA SER B 100 3.87 20.60 -5.58
C SER B 100 2.59 20.61 -4.77
N LYS B 101 2.03 21.79 -4.56
CA LYS B 101 0.79 21.98 -3.80
C LYS B 101 -0.43 22.11 -4.70
N LEU B 102 -0.27 22.01 -6.02
CA LEU B 102 -1.40 22.11 -6.95
C LEU B 102 -2.11 20.77 -7.06
N SER B 103 -3.44 20.83 -7.18
CA SER B 103 -4.24 19.63 -6.98
C SER B 103 -5.49 19.51 -7.84
N ASP B 104 -5.95 20.61 -8.44
CA ASP B 104 -7.09 20.55 -9.37
C ASP B 104 -6.89 21.59 -10.47
N TYR B 105 -7.58 21.36 -11.59
CA TYR B 105 -7.43 22.16 -12.81
C TYR B 105 -7.76 23.63 -12.61
N SER B 106 -8.49 23.98 -11.55
CA SER B 106 -8.64 25.38 -11.20
C SER B 106 -7.28 26.02 -10.92
N ASP B 107 -6.37 25.25 -10.30
CA ASP B 107 -5.07 25.76 -9.90
C ASP B 107 -4.22 26.26 -11.06
N LEU B 108 -4.51 25.84 -12.30
CA LEU B 108 -3.65 26.20 -13.41
C LEU B 108 -3.86 27.62 -13.95
N LYS B 109 -4.79 28.39 -13.38
CA LYS B 109 -4.98 29.77 -13.83
C LYS B 109 -3.70 30.57 -13.66
N GLY B 110 -3.24 31.18 -14.75
CA GLY B 110 -2.03 31.96 -14.78
C GLY B 110 -0.74 31.19 -15.00
N LYS B 111 -0.73 29.87 -14.79
CA LYS B 111 0.47 29.06 -14.92
C LYS B 111 0.56 28.42 -16.31
N ALA B 112 1.74 27.97 -16.66
CA ALA B 112 2.00 27.31 -17.94
C ALA B 112 2.01 25.81 -17.78
N VAL B 113 1.30 25.11 -18.67
CA VAL B 113 1.10 23.66 -18.63
C VAL B 113 1.67 23.06 -19.91
N GLY B 114 2.35 21.93 -19.79
CA GLY B 114 2.98 21.28 -20.93
C GLY B 114 2.23 20.10 -21.53
N ALA B 115 2.47 19.87 -22.81
CA ALA B 115 1.97 18.69 -23.49
C ALA B 115 2.91 18.35 -24.64
N LYS B 116 2.91 17.09 -25.06
CA LYS B 116 3.69 16.69 -26.22
C LYS B 116 2.96 17.09 -27.49
N ASN B 117 3.71 17.62 -28.47
CA ASN B 117 3.06 18.15 -29.67
C ASN B 117 2.33 17.04 -30.42
N GLY B 118 1.14 17.39 -30.91
CA GLY B 118 0.34 16.51 -31.74
C GLY B 118 -0.26 15.31 -31.05
N THR B 119 -0.56 15.42 -29.76
CA THR B 119 -1.14 14.34 -28.96
C THR B 119 -2.51 14.76 -28.45
N ALA B 120 -3.21 13.77 -27.90
CA ALA B 120 -4.48 14.04 -27.24
C ALA B 120 -4.31 15.03 -26.09
N ALA B 121 -3.19 14.91 -25.36
CA ALA B 121 -2.89 15.86 -24.29
C ALA B 121 -2.95 17.30 -24.79
N GLN B 122 -2.36 17.56 -25.95
CA GLN B 122 -2.46 18.89 -26.54
C GLN B 122 -3.92 19.23 -26.85
N THR B 123 -4.60 18.35 -27.59
CA THR B 123 -6.00 18.58 -27.94
C THR B 123 -6.83 18.92 -26.71
N TRP B 124 -6.74 18.09 -25.67
CA TRP B 124 -7.45 18.41 -24.44
C TRP B 124 -7.04 19.78 -23.92
N LEU B 125 -5.74 20.04 -23.81
CA LEU B 125 -5.30 21.30 -23.23
C LEU B 125 -5.88 22.49 -23.98
N GLN B 126 -5.91 22.43 -25.30
CA GLN B 126 -6.47 23.54 -26.06
C GLN B 126 -7.97 23.66 -25.82
N GLU B 127 -8.67 22.53 -25.79
CA GLU B 127 -10.12 22.57 -25.66
C GLU B 127 -10.55 23.20 -24.35
N ASN B 128 -9.77 23.03 -23.29
CA ASN B 128 -10.12 23.56 -21.98
C ASN B 128 -9.30 24.80 -21.60
N GLN B 129 -8.57 25.39 -22.55
CA GLN B 129 -7.73 26.53 -22.20
C GLN B 129 -8.60 27.71 -21.79
N LYS B 130 -9.66 27.97 -22.55
CA LYS B 130 -10.59 29.05 -22.21
C LYS B 130 -11.20 28.84 -20.83
N LYS B 131 -11.55 27.59 -20.49
CA LYS B 131 -12.14 27.29 -19.19
C LYS B 131 -11.21 27.67 -18.05
N TYR B 132 -10.03 27.07 -18.02
CA TYR B 132 -9.18 27.15 -16.83
C TYR B 132 -8.16 28.27 -16.87
N GLY B 133 -7.79 28.77 -18.06
CA GLY B 133 -6.94 29.94 -18.15
C GLY B 133 -5.45 29.77 -17.90
N TYR B 134 -4.84 28.75 -18.49
CA TYR B 134 -3.42 28.46 -18.39
C TYR B 134 -2.71 28.85 -19.69
N THR B 135 -1.39 28.88 -19.64
CA THR B 135 -0.58 28.98 -20.85
C THR B 135 -0.21 27.58 -21.31
N ILE B 136 -0.07 27.40 -22.63
CA ILE B 136 0.22 26.09 -23.23
C ILE B 136 1.57 26.09 -23.92
N LYS B 137 2.51 25.33 -23.37
CA LYS B 137 3.78 25.02 -23.99
C LYS B 137 3.75 23.58 -24.53
N THR B 138 4.28 23.39 -25.75
CA THR B 138 4.33 22.05 -26.35
C THR B 138 5.78 21.59 -26.49
N TYR B 139 5.95 20.27 -26.59
CA TYR B 139 7.27 19.65 -26.53
C TYR B 139 7.37 18.52 -27.55
N SER B 140 8.59 18.18 -27.93
CA SER B 140 8.81 17.13 -28.92
C SER B 140 8.92 15.74 -28.31
N ASP B 141 9.35 15.61 -27.06
CA ASP B 141 9.33 14.32 -26.40
C ASP B 141 9.14 14.52 -24.90
N GLY B 142 9.00 13.39 -24.20
CA GLY B 142 8.85 13.47 -22.76
C GLY B 142 10.12 13.98 -22.10
N VAL B 143 11.27 13.60 -22.65
CA VAL B 143 12.54 14.08 -22.09
C VAL B 143 12.51 15.58 -21.91
N HIS B 144 12.07 16.30 -22.95
CA HIS B 144 12.05 17.76 -22.86
C HIS B 144 10.91 18.27 -22.00
N MET B 145 9.73 17.66 -22.11
CA MET B 145 8.61 18.16 -21.31
C MET B 145 8.92 18.01 -19.83
N PHE B 146 9.45 16.87 -19.41
CA PHE B 146 9.66 16.69 -17.99
C PHE B 146 10.84 17.50 -17.52
N ALA B 147 11.85 17.72 -18.37
CA ALA B 147 12.91 18.64 -18.00
C ALA B 147 12.36 20.01 -17.64
N ALA B 148 11.40 20.48 -18.43
CA ALA B 148 10.80 21.79 -18.18
C ALA B 148 9.98 21.79 -16.90
N LEU B 149 9.24 20.71 -16.65
CA LEU B 149 8.52 20.59 -15.38
C LEU B 149 9.47 20.62 -14.20
N SER B 150 10.55 19.85 -14.31
CA SER B 150 11.53 19.74 -13.23
C SER B 150 12.17 21.09 -12.90
N SER B 151 12.39 21.94 -13.90
CA SER B 151 13.04 23.22 -13.72
C SER B 151 12.07 24.34 -13.37
N GLY B 152 10.77 24.05 -13.31
CA GLY B 152 9.78 25.04 -12.96
C GLY B 152 9.31 25.91 -14.09
N ASN B 153 9.73 25.65 -15.31
CA ASN B 153 9.30 26.53 -16.39
C ASN B 153 7.88 26.23 -16.82
N ILE B 154 7.39 25.03 -16.53
CA ILE B 154 5.96 24.72 -16.55
C ILE B 154 5.59 24.27 -15.16
N ALA B 155 4.33 24.53 -14.81
CA ALA B 155 3.81 24.15 -13.50
C ALA B 155 3.16 22.78 -13.48
N GLY B 156 2.81 22.24 -14.64
CA GLY B 156 2.25 20.91 -14.73
C GLY B 156 2.52 20.36 -16.12
N ALA B 157 2.40 19.05 -16.24
CA ALA B 157 2.57 18.38 -17.52
C ALA B 157 1.45 17.38 -17.70
N MET B 158 0.77 17.44 -18.84
CA MET B 158 -0.35 16.56 -19.13
C MET B 158 0.11 15.39 -19.98
N ASP B 159 -0.21 14.18 -19.54
CA ASP B 159 0.21 12.98 -20.23
C ASP B 159 -0.69 11.84 -19.78
N GLU B 160 -0.39 10.64 -20.28
CA GLU B 160 -1.11 9.43 -19.91
C GLU B 160 -0.72 8.96 -18.52
N VAL B 161 -1.73 8.61 -17.72
CA VAL B 161 -1.49 8.03 -16.40
C VAL B 161 -0.44 6.93 -16.43
N PRO B 162 -0.50 5.94 -17.35
CA PRO B 162 0.55 4.92 -17.36
C PRO B 162 1.93 5.50 -17.58
N VAL B 163 2.04 6.49 -18.47
CA VAL B 163 3.35 7.05 -18.78
C VAL B 163 3.94 7.71 -17.55
N ILE B 164 3.13 8.47 -16.81
CA ILE B 164 3.61 9.07 -15.57
C ILE B 164 3.93 7.99 -14.54
N SER B 165 3.02 7.03 -14.34
CA SER B 165 3.26 5.96 -13.37
C SER B 165 4.61 5.30 -13.59
N TYR B 166 4.98 5.07 -14.84
CA TYR B 166 6.26 4.43 -15.11
C TYR B 166 7.45 5.33 -14.75
N ALA B 167 7.38 6.62 -15.09
CA ALA B 167 8.50 7.49 -14.75
C ALA B 167 8.65 7.60 -13.24
N MET B 168 7.54 7.56 -12.51
CA MET B 168 7.63 7.53 -11.06
C MET B 168 8.23 6.22 -10.59
N LYS B 169 7.89 5.11 -11.25
CA LYS B 169 8.53 3.84 -10.90
C LYS B 169 10.02 3.90 -11.19
N GLN B 170 10.42 4.56 -12.28
CA GLN B 170 11.84 4.76 -12.53
C GLN B 170 12.51 5.58 -11.44
N GLY B 171 11.76 6.37 -10.70
CA GLY B 171 12.27 7.19 -9.63
C GLY B 171 12.33 8.69 -9.91
N GLN B 172 11.64 9.18 -10.93
CA GLN B 172 11.63 10.61 -11.18
C GLN B 172 10.76 11.35 -10.15
N ASP B 173 11.02 12.65 -10.04
CA ASP B 173 10.37 13.50 -9.06
C ASP B 173 9.04 13.94 -9.64
N LEU B 174 8.05 13.08 -9.46
CA LEU B 174 6.76 13.21 -10.11
C LEU B 174 5.62 12.82 -9.18
N ALA B 175 4.47 13.46 -9.36
CA ALA B 175 3.29 13.20 -8.57
C ALA B 175 2.06 13.41 -9.44
N MET B 176 0.98 12.70 -9.14
CA MET B 176 -0.29 12.87 -9.83
C MET B 176 -1.33 13.20 -8.76
N ASN B 177 -1.52 14.48 -8.53
CA ASN B 177 -2.51 14.94 -7.56
C ASN B 177 -3.77 15.46 -8.22
N PHE B 178 -3.77 15.57 -9.54
CA PHE B 178 -4.95 16.05 -10.24
C PHE B 178 -5.86 14.88 -10.58
N PRO B 179 -7.14 15.13 -10.82
CA PRO B 179 -8.00 14.07 -11.36
C PRO B 179 -7.52 13.66 -12.73
N SER B 180 -7.95 12.48 -13.16
CA SER B 180 -7.60 12.02 -14.50
C SER B 180 -8.81 12.06 -15.42
N ILE B 181 -8.54 12.06 -16.71
CA ILE B 181 -9.59 12.03 -17.73
C ILE B 181 -9.48 10.72 -18.49
N SER B 182 -10.51 9.89 -18.38
CA SER B 182 -10.55 8.64 -19.11
C SER B 182 -10.46 8.90 -20.60
N LEU B 183 -9.61 8.14 -21.30
CA LEU B 183 -9.51 8.24 -22.75
C LEU B 183 -10.44 7.22 -23.40
N PRO B 184 -11.43 7.64 -24.19
CA PRO B 184 -12.37 6.68 -24.78
C PRO B 184 -11.69 5.76 -25.78
N GLY B 185 -12.31 4.58 -25.95
CA GLY B 185 -11.86 3.56 -26.85
C GLY B 185 -11.04 2.48 -26.17
N GLY B 186 -9.89 2.86 -25.60
CA GLY B 186 -8.97 1.89 -25.08
C GLY B 186 -8.12 1.27 -26.18
N TYR B 187 -7.06 0.58 -25.76
CA TYR B 187 -6.13 0.01 -26.70
C TYR B 187 -6.57 -1.39 -27.09
N GLY B 188 -6.31 -1.76 -28.34
CA GLY B 188 -6.72 -3.06 -28.83
C GLY B 188 -5.62 -3.70 -29.66
N PHE B 189 -5.76 -5.00 -29.84
CA PHE B 189 -4.97 -5.76 -30.79
C PHE B 189 -5.72 -5.78 -32.11
N ALA B 190 -5.00 -5.57 -33.21
CA ALA B 190 -5.66 -5.31 -34.48
C ALA B 190 -5.08 -6.17 -35.59
N VAL B 191 -5.97 -6.59 -36.50
CA VAL B 191 -5.66 -7.26 -37.75
C VAL B 191 -6.46 -6.56 -38.85
N MET B 192 -6.11 -6.86 -40.10
CA MET B 192 -6.90 -6.34 -41.22
C MET B 192 -8.33 -6.87 -41.14
N LYS B 193 -9.29 -6.01 -41.50
CA LYS B 193 -10.68 -6.40 -41.38
C LYS B 193 -10.95 -7.65 -42.21
N GLY B 194 -11.65 -8.61 -41.62
CA GLY B 194 -12.03 -9.82 -42.31
C GLY B 194 -10.95 -10.87 -42.41
N LYS B 195 -9.79 -10.64 -41.79
CA LYS B 195 -8.66 -11.54 -41.85
C LYS B 195 -8.23 -11.91 -40.44
N ASN B 196 -7.56 -13.05 -40.32
CA ASN B 196 -6.87 -13.46 -39.08
C ASN B 196 -7.79 -13.45 -37.87
N SER B 197 -9.01 -13.97 -38.04
CA SER B 197 -9.91 -14.02 -36.90
C SER B 197 -9.35 -14.94 -35.82
N THR B 198 -8.68 -16.01 -36.23
CA THR B 198 -8.07 -16.93 -35.27
C THR B 198 -7.11 -16.21 -34.37
N LEU B 199 -6.39 -15.22 -34.91
CA LEU B 199 -5.49 -14.43 -34.09
C LEU B 199 -6.27 -13.59 -33.09
N VAL B 200 -7.28 -12.86 -33.56
CA VAL B 200 -8.11 -12.06 -32.65
C VAL B 200 -8.77 -12.94 -31.60
N ASP B 201 -9.40 -14.04 -32.02
CA ASP B 201 -10.03 -14.92 -31.03
C ASP B 201 -9.00 -15.42 -30.05
N GLY B 202 -7.81 -15.79 -30.54
CA GLY B 202 -6.76 -16.25 -29.66
C GLY B 202 -6.32 -15.18 -28.67
N PHE B 203 -6.23 -13.93 -29.13
CA PHE B 203 -5.92 -12.84 -28.21
C PHE B 203 -6.99 -12.74 -27.13
N ASN B 204 -8.27 -12.78 -27.53
CA ASN B 204 -9.35 -12.59 -26.58
C ASN B 204 -9.34 -13.66 -25.49
N LYS B 205 -9.10 -14.92 -25.88
CA LYS B 205 -9.11 -15.99 -24.88
C LYS B 205 -7.93 -15.88 -23.93
N ALA B 206 -6.72 -15.73 -24.47
CA ALA B 206 -5.55 -15.58 -23.61
C ALA B 206 -5.73 -14.44 -22.62
N LEU B 207 -6.10 -13.26 -23.14
CA LEU B 207 -6.32 -12.10 -22.29
C LEU B 207 -7.22 -12.43 -21.12
N ALA B 208 -8.30 -13.16 -21.38
CA ALA B 208 -9.24 -13.51 -20.32
C ALA B 208 -8.58 -14.36 -19.23
N GLU B 209 -7.83 -15.39 -19.64
CA GLU B 209 -7.12 -16.19 -18.66
C GLU B 209 -6.18 -15.34 -17.84
N MET B 210 -5.46 -14.42 -18.50
CA MET B 210 -4.43 -13.63 -17.83
C MET B 210 -5.02 -12.72 -16.78
N LYS B 211 -6.19 -12.14 -17.06
CA LYS B 211 -6.89 -11.41 -16.01
C LYS B 211 -7.29 -12.35 -14.88
N SER B 212 -7.70 -13.57 -15.22
CA SER B 212 -8.19 -14.49 -14.21
C SER B 212 -7.07 -15.02 -13.32
N ASN B 213 -5.86 -15.21 -13.84
CA ASN B 213 -4.80 -15.85 -13.08
C ASN B 213 -3.80 -14.86 -12.52
N GLY B 214 -4.06 -13.56 -12.66
CA GLY B 214 -3.19 -12.54 -12.12
C GLY B 214 -2.02 -12.21 -12.99
N ASP B 215 -1.81 -12.93 -14.09
CA ASP B 215 -0.68 -12.61 -14.95
C ASP B 215 -0.82 -11.22 -15.55
N TYR B 216 -2.06 -10.81 -15.87
CA TYR B 216 -2.32 -9.45 -16.31
C TYR B 216 -1.90 -8.44 -15.24
N ASP B 217 -2.47 -8.57 -14.03
CA ASP B 217 -2.10 -7.66 -12.95
C ASP B 217 -0.60 -7.62 -12.71
N LYS B 218 0.06 -8.77 -12.84
CA LYS B 218 1.50 -8.80 -12.64
C LYS B 218 2.22 -7.95 -13.69
N ILE B 219 1.73 -7.99 -14.93
CA ILE B 219 2.37 -7.25 -16.01
C ILE B 219 2.26 -5.75 -15.77
N LEU B 220 1.07 -5.28 -15.43
CA LEU B 220 0.91 -3.86 -15.22
C LEU B 220 1.71 -3.40 -14.02
N LYS B 221 1.66 -4.18 -12.93
CA LYS B 221 2.42 -3.86 -11.73
C LYS B 221 3.89 -3.76 -12.01
N LYS B 222 4.37 -4.53 -12.97
CA LYS B 222 5.78 -4.54 -13.33
C LYS B 222 6.27 -3.14 -13.67
N TYR B 223 5.42 -2.32 -14.31
CA TYR B 223 5.80 -1.02 -14.80
C TYR B 223 5.28 0.10 -13.93
N GLY B 224 4.83 -0.21 -12.72
CA GLY B 224 4.38 0.77 -11.77
C GLY B 224 2.91 1.09 -11.77
N ILE B 225 2.08 0.29 -12.43
CA ILE B 225 0.66 0.59 -12.59
C ILE B 225 -0.12 -0.44 -11.78
N THR B 226 -0.85 0.02 -10.78
CA THR B 226 -1.64 -0.88 -9.94
C THR B 226 -3.04 -0.96 -10.50
N ALA B 227 -3.39 -2.11 -11.09
CA ALA B 227 -4.69 -2.26 -11.73
C ALA B 227 -5.77 -2.03 -10.69
N THR B 228 -6.62 -1.03 -10.93
CA THR B 228 -7.66 -0.69 -9.98
C THR B 228 -9.00 -1.16 -10.51
N LYS B 229 -9.86 -1.49 -9.56
CA LYS B 229 -11.23 -1.88 -9.83
C LYS B 229 -12.02 -0.65 -10.26
N LYS B 230 -12.68 -0.73 -11.42
CA LYS B 230 -13.50 0.36 -11.92
C LYS B 230 -14.85 -0.22 -12.31
N ALA B 231 -15.91 0.24 -11.66
CA ALA B 231 -17.25 -0.15 -12.06
C ALA B 231 -17.61 0.50 -13.39
N THR B 232 -18.58 -0.12 -14.07
CA THR B 232 -19.01 0.32 -15.38
C THR B 232 -20.33 1.07 -15.27
N PRO B 233 -20.38 2.35 -15.64
CA PRO B 233 -21.66 3.09 -15.60
C PRO B 233 -22.62 2.56 -16.65
N LYS B 234 -23.89 2.53 -16.28
CA LYS B 234 -24.93 2.15 -17.22
C LYS B 234 -25.68 3.36 -17.75
N LYS B 235 -25.88 4.37 -16.92
CA LYS B 235 -26.61 5.56 -17.29
C LYS B 235 -25.63 6.70 -17.55
N ASP B 236 -26.10 7.71 -18.28
CA ASP B 236 -25.30 8.92 -18.43
C ASP B 236 -25.17 9.66 -17.12
N VAL B 237 -26.21 9.61 -16.28
CA VAL B 237 -26.26 10.35 -15.01
C VAL B 237 -27.20 9.60 -14.08
N TYR B 238 -26.84 9.55 -12.79
CA TYR B 238 -27.56 8.82 -11.76
C TYR B 238 -28.16 9.78 -10.74
N THR B 239 -29.31 9.39 -10.20
CA THR B 239 -30.01 10.19 -9.21
C THR B 239 -29.60 9.80 -7.80
N ILE B 240 -29.15 10.77 -7.01
CA ILE B 240 -28.87 10.56 -5.58
C ILE B 240 -29.59 11.63 -4.77
N ALA B 241 -30.61 11.23 -4.03
CA ALA B 241 -31.37 12.18 -3.23
C ALA B 241 -30.73 12.35 -1.86
N SER B 242 -31.03 13.47 -1.22
CA SER B 242 -30.33 13.79 0.02
C SER B 242 -31.10 14.84 0.80
N ASP B 243 -30.68 15.04 2.04
CA ASP B 243 -31.33 16.01 2.91
C ASP B 243 -30.98 17.43 2.47
N ASN B 244 -31.91 18.35 2.74
CA ASN B 244 -31.77 19.73 2.28
C ASN B 244 -30.86 20.59 3.15
N SER B 245 -30.65 20.22 4.42
CA SER B 245 -29.75 20.95 5.31
C SER B 245 -29.45 20.16 6.58
N PHE B 246 -28.30 19.47 6.60
CA PHE B 246 -27.87 18.70 7.78
C PHE B 246 -26.38 18.93 8.03
N ALA B 247 -26.09 19.96 8.85
CA ALA B 247 -24.83 20.08 9.57
C ALA B 247 -23.67 19.93 8.60
N PRO B 248 -22.53 19.17 8.84
CA PRO B 248 -21.43 19.29 7.88
C PRO B 248 -21.46 18.24 6.76
N PHE B 249 -22.57 17.57 6.53
CA PHE B 249 -22.58 16.53 5.51
C PHE B 249 -23.17 16.99 4.20
N GLU B 250 -24.32 17.66 4.24
CA GLU B 250 -24.88 18.31 3.06
C GLU B 250 -25.54 19.58 3.54
N PHE B 251 -25.15 20.71 2.95
CA PHE B 251 -25.69 21.99 3.38
C PHE B 251 -25.27 23.07 2.39
N GLN B 252 -25.86 24.23 2.54
CA GLN B 252 -25.55 25.34 1.68
C GLN B 252 -24.83 26.44 2.45
N ASN B 253 -23.80 27.01 1.84
CA ASN B 253 -23.05 28.11 2.42
C ASN B 253 -23.70 29.42 1.98
N ASP B 254 -22.96 30.52 2.07
CA ASP B 254 -23.53 31.83 1.78
C ASP B 254 -23.81 32.00 0.30
N ASP B 255 -23.05 31.33 -0.56
CA ASP B 255 -23.34 31.30 -1.99
C ASP B 255 -24.53 30.39 -2.33
N LYS B 256 -25.12 29.73 -1.33
CA LYS B 256 -26.25 28.81 -1.50
C LYS B 256 -25.90 27.60 -2.36
N GLN B 257 -24.63 27.33 -2.60
CA GLN B 257 -24.24 26.10 -3.28
C GLN B 257 -24.03 25.03 -2.23
N PHE B 258 -24.46 23.81 -2.55
CA PHE B 258 -24.39 22.73 -1.59
C PHE B 258 -22.95 22.27 -1.41
N THR B 259 -22.61 21.92 -0.18
CA THR B 259 -21.28 21.43 0.13
C THR B 259 -21.42 20.54 1.35
N GLY B 260 -20.31 19.95 1.77
CA GLY B 260 -20.32 19.06 2.90
C GLY B 260 -19.54 17.79 2.64
N ILE B 261 -19.39 17.01 3.71
CA ILE B 261 -18.68 15.75 3.64
C ILE B 261 -19.33 14.83 2.61
N ASP B 262 -20.65 14.65 2.71
CA ASP B 262 -21.34 13.74 1.82
C ASP B 262 -21.17 14.14 0.36
N VAL B 263 -21.40 15.42 0.05
CA VAL B 263 -21.29 15.90 -1.33
C VAL B 263 -19.87 15.72 -1.84
N ASP B 264 -18.89 16.23 -1.09
CA ASP B 264 -17.52 16.15 -1.56
C ASP B 264 -17.07 14.70 -1.70
N LEU B 265 -17.37 13.88 -0.70
CA LEU B 265 -16.91 12.51 -0.74
C LEU B 265 -17.55 11.75 -1.89
N LEU B 266 -18.87 11.86 -2.04
CA LEU B 266 -19.52 11.11 -3.10
C LEU B 266 -19.07 11.59 -4.48
N ASN B 267 -19.02 12.92 -4.69
CA ASN B 267 -18.51 13.42 -5.96
C ASN B 267 -17.11 12.93 -6.23
N ALA B 268 -16.24 12.97 -5.23
CA ALA B 268 -14.89 12.47 -5.44
C ALA B 268 -14.89 10.98 -5.73
N ILE B 269 -15.76 10.23 -5.07
CA ILE B 269 -15.93 8.81 -5.40
C ILE B 269 -16.41 8.65 -6.83
N ALA B 270 -17.38 9.45 -7.24
CA ALA B 270 -17.92 9.33 -8.59
C ALA B 270 -16.88 9.72 -9.62
N LYS B 271 -16.28 10.90 -9.46
CA LYS B 271 -15.25 11.36 -10.39
C LYS B 271 -14.12 10.34 -10.51
N ASN B 272 -13.77 9.70 -9.40
CA ASN B 272 -12.71 8.69 -9.43
C ASN B 272 -13.13 7.46 -10.23
N GLN B 273 -14.43 7.15 -10.28
CA GLN B 273 -14.96 6.00 -11.02
C GLN B 273 -15.48 6.33 -12.41
N GLY B 274 -15.56 7.59 -12.78
CA GLY B 274 -16.09 7.95 -14.08
C GLY B 274 -17.60 7.91 -14.19
N PHE B 275 -18.31 7.71 -13.09
CA PHE B 275 -19.76 7.89 -13.11
C PHE B 275 -20.07 9.38 -13.03
N LYS B 276 -21.23 9.77 -13.57
CA LYS B 276 -21.72 11.11 -13.32
C LYS B 276 -23.03 11.04 -12.55
N LEU B 277 -23.22 11.99 -11.62
CA LEU B 277 -24.33 11.97 -10.70
C LEU B 277 -25.18 13.23 -10.82
N LYS B 278 -26.47 13.06 -10.53
CA LYS B 278 -27.37 14.18 -10.30
C LYS B 278 -27.86 14.05 -8.88
N TRP B 279 -27.64 15.11 -8.10
CA TRP B 279 -27.90 15.12 -6.67
C TRP B 279 -29.34 15.36 -6.31
N ASN B 280 -29.72 16.62 -6.11
CA ASN B 280 -31.12 16.96 -5.78
C ASN B 280 -31.36 16.71 -4.30
N PHE B 281 -31.17 17.78 -3.51
CA PHE B 281 -31.26 17.75 -2.05
C PHE B 281 -32.67 18.12 -1.64
N ILE B 282 -33.54 17.12 -1.59
CA ILE B 282 -34.95 17.39 -1.38
C ILE B 282 -35.34 17.39 0.10
N GLY B 283 -34.55 16.76 0.96
CA GLY B 283 -34.91 16.59 2.35
C GLY B 283 -34.83 15.12 2.72
N PHE B 284 -34.27 14.85 3.89
CA PHE B 284 -33.86 13.49 4.25
C PHE B 284 -34.98 12.47 4.08
N GLN B 285 -36.06 12.62 4.84
CA GLN B 285 -37.07 11.57 4.86
C GLN B 285 -37.69 11.39 3.49
N ALA B 286 -37.86 12.49 2.75
CA ALA B 286 -38.35 12.38 1.38
C ALA B 286 -37.40 11.57 0.51
N ALA B 287 -36.09 11.70 0.74
CA ALA B 287 -35.12 10.91 -0.02
C ALA B 287 -35.31 9.43 0.22
N VAL B 288 -35.53 9.02 1.48
CA VAL B 288 -35.81 7.62 1.78
C VAL B 288 -36.92 7.13 0.88
N ASP B 289 -38.05 7.84 0.89
CA ASP B 289 -39.17 7.46 0.04
C ASP B 289 -38.78 7.54 -1.43
N SER B 290 -37.95 8.50 -1.81
CA SER B 290 -37.61 8.71 -3.21
C SER B 290 -36.80 7.54 -3.78
N VAL B 291 -35.75 7.13 -3.07
CA VAL B 291 -34.99 5.96 -3.50
C VAL B 291 -35.87 4.72 -3.48
N GLN B 292 -36.60 4.52 -2.38
CA GLN B 292 -37.39 3.32 -2.25
C GLN B 292 -38.54 3.28 -3.25
N SER B 293 -39.13 4.43 -3.59
CA SER B 293 -40.24 4.44 -4.52
C SER B 293 -39.75 4.57 -5.94
N GLY B 294 -40.43 5.41 -6.71
CA GLY B 294 -40.15 5.61 -8.11
C GLY B 294 -38.72 6.00 -8.45
N HIS B 295 -38.39 7.26 -8.22
CA HIS B 295 -37.25 7.89 -8.87
C HIS B 295 -36.21 8.36 -7.87
N ALA B 296 -35.30 7.46 -7.53
CA ALA B 296 -33.95 7.82 -7.11
C ALA B 296 -33.12 6.56 -7.15
N ASP B 297 -31.87 6.70 -7.59
CA ASP B 297 -31.00 5.54 -7.72
C ASP B 297 -30.37 5.19 -6.38
N GLY B 298 -29.97 6.22 -5.63
CA GLY B 298 -29.40 6.03 -4.32
C GLY B 298 -29.51 7.31 -3.51
N MET B 299 -29.09 7.26 -2.25
CA MET B 299 -29.10 8.43 -1.40
C MET B 299 -27.84 8.48 -0.55
N MET B 300 -27.34 9.70 -0.36
CA MET B 300 -26.14 9.99 0.43
C MET B 300 -26.52 11.17 1.32
N SER B 301 -26.84 10.91 2.59
CA SER B 301 -27.34 12.00 3.41
C SER B 301 -27.21 11.68 4.89
N GLY B 302 -25.99 11.41 5.35
CA GLY B 302 -25.73 11.08 6.73
C GLY B 302 -26.61 9.96 7.27
N MET B 303 -26.70 8.85 6.53
CA MET B 303 -27.65 7.79 6.82
C MET B 303 -26.98 6.67 7.62
N SER B 304 -27.55 6.36 8.79
CA SER B 304 -27.08 5.26 9.60
C SER B 304 -27.43 3.91 8.96
N ILE B 305 -26.48 2.98 9.03
CA ILE B 305 -26.66 1.63 8.51
C ILE B 305 -27.33 0.76 9.57
N THR B 306 -28.52 0.25 9.28
CA THR B 306 -29.27 -0.58 10.22
C THR B 306 -29.79 -1.83 9.51
N ASP B 307 -30.06 -2.87 10.31
CA ASP B 307 -30.60 -4.12 9.78
C ASP B 307 -31.96 -3.89 9.12
N ALA B 308 -32.78 -3.02 9.72
CA ALA B 308 -34.12 -2.76 9.21
C ALA B 308 -34.06 -2.12 7.83
N ARG B 309 -33.18 -1.15 7.65
CA ARG B 309 -33.05 -0.53 6.34
C ARG B 309 -32.41 -1.50 5.34
N LYS B 310 -31.52 -2.39 5.81
CA LYS B 310 -30.93 -3.39 4.93
C LYS B 310 -31.96 -4.35 4.39
N GLN B 311 -33.14 -4.43 5.04
CA GLN B 311 -34.23 -5.25 4.54
C GLN B 311 -34.90 -4.62 3.32
N VAL B 312 -34.66 -3.33 3.09
CA VAL B 312 -35.24 -2.65 1.93
C VAL B 312 -34.19 -1.87 1.13
N PHE B 313 -32.99 -1.63 1.67
CA PHE B 313 -31.90 -1.03 0.92
C PHE B 313 -30.74 -2.01 0.80
N ASP B 314 -29.93 -1.81 -0.24
CA ASP B 314 -28.61 -2.38 -0.32
C ASP B 314 -27.60 -1.27 -0.08
N TYR B 315 -26.60 -1.55 0.76
CA TYR B 315 -25.63 -0.56 1.20
C TYR B 315 -24.24 -0.86 0.69
N GLY B 316 -23.49 0.21 0.43
CA GLY B 316 -22.06 0.12 0.27
C GLY B 316 -21.36 0.06 1.62
N SER B 317 -20.04 0.00 1.55
CA SER B 317 -19.21 -0.01 2.75
C SER B 317 -19.51 1.22 3.62
N PRO B 318 -19.40 1.11 4.94
CA PRO B 318 -19.59 2.28 5.80
C PRO B 318 -18.48 3.31 5.59
N TYR B 319 -18.86 4.58 5.64
CA TYR B 319 -17.92 5.66 5.36
C TYR B 319 -17.62 6.60 6.53
N TYR B 320 -18.34 6.51 7.64
CA TYR B 320 -18.02 7.34 8.80
C TYR B 320 -18.55 6.65 10.03
N SER B 321 -17.73 6.61 11.07
CA SER B 321 -18.17 6.04 12.35
C SER B 321 -18.66 7.19 13.21
N SER B 322 -19.98 7.30 13.33
CA SER B 322 -20.61 8.43 14.01
C SER B 322 -20.61 8.26 15.54
N ASN B 323 -20.33 9.35 16.25
CA ASN B 323 -20.28 9.36 17.71
C ASN B 323 -21.28 10.33 18.30
N LEU B 324 -21.67 10.02 19.54
CA LEU B 324 -22.33 10.96 20.43
C LEU B 324 -21.26 11.49 21.36
N THR B 325 -21.26 12.80 21.59
CA THR B 325 -20.15 13.43 22.28
C THR B 325 -20.63 14.60 23.14
N ILE B 326 -19.94 14.81 24.27
CA ILE B 326 -20.24 15.94 25.13
C ILE B 326 -19.46 17.15 24.63
N ALA B 327 -20.14 18.27 24.46
CA ALA B 327 -19.49 19.53 24.16
C ALA B 327 -19.60 20.46 25.36
N THR B 328 -18.47 21.05 25.73
CA THR B 328 -18.38 22.07 26.76
C THR B 328 -17.81 23.36 26.18
N SER B 329 -17.88 24.41 26.99
CA SER B 329 -17.24 25.67 26.64
C SER B 329 -15.73 25.52 26.68
N SER B 330 -15.05 26.09 25.69
CA SER B 330 -13.61 25.92 25.59
C SER B 330 -12.86 26.66 26.68
N THR B 331 -13.57 27.29 27.63
CA THR B 331 -12.95 27.94 28.78
C THR B 331 -13.27 27.23 30.09
N ASP B 332 -13.85 26.01 30.06
CA ASP B 332 -14.30 25.33 31.27
C ASP B 332 -13.39 24.15 31.60
N ASP B 333 -12.53 24.36 32.59
CA ASP B 333 -11.63 23.32 33.09
C ASP B 333 -12.31 22.32 34.02
N SER B 334 -13.59 22.50 34.34
CA SER B 334 -14.21 21.73 35.41
C SER B 334 -14.75 20.37 34.96
N ILE B 335 -14.79 20.08 33.68
CA ILE B 335 -15.24 18.79 33.20
C ILE B 335 -14.06 18.12 32.51
N LYS B 336 -13.48 17.12 33.18
CA LYS B 336 -12.29 16.43 32.71
C LYS B 336 -12.49 14.94 32.57
N SER B 337 -13.64 14.42 32.98
CA SER B 337 -14.03 13.03 32.79
C SER B 337 -15.53 12.97 32.99
N TRP B 338 -16.09 11.81 32.70
CA TRP B 338 -17.52 11.60 32.90
C TRP B 338 -17.94 11.84 34.34
N LYS B 339 -17.12 11.43 35.31
CA LYS B 339 -17.52 11.64 36.69
C LYS B 339 -17.62 13.11 37.05
N ASP B 340 -16.94 14.00 36.31
CA ASP B 340 -17.04 15.42 36.57
C ASP B 340 -18.39 16.00 36.20
N LEU B 341 -19.24 15.22 35.52
CA LEU B 341 -20.55 15.68 35.09
C LEU B 341 -21.58 15.75 36.21
N LYS B 342 -21.27 15.19 37.38
CA LYS B 342 -22.13 15.30 38.56
C LYS B 342 -22.34 16.77 38.93
N GLY B 343 -23.59 17.12 39.22
CA GLY B 343 -23.92 18.48 39.53
C GLY B 343 -24.12 19.36 38.32
N LYS B 344 -23.80 18.88 37.12
CA LYS B 344 -23.93 19.68 35.92
C LYS B 344 -25.27 19.40 35.25
N THR B 345 -25.76 20.38 34.52
CA THR B 345 -26.93 20.18 33.68
C THR B 345 -26.50 20.17 32.21
N LEU B 346 -27.00 19.20 31.46
CA LEU B 346 -26.58 19.02 30.09
C LEU B 346 -27.79 19.06 29.15
N GLY B 347 -27.60 19.73 28.01
CA GLY B 347 -28.66 19.85 27.02
C GLY B 347 -28.62 18.75 25.97
N ALA B 348 -29.80 18.46 25.43
CA ALA B 348 -29.96 17.53 24.31
C ALA B 348 -31.13 17.99 23.45
N LYS B 349 -31.05 17.70 22.16
CA LYS B 349 -32.20 17.95 21.29
C LYS B 349 -33.21 16.83 21.50
N ASN B 350 -34.48 17.21 21.60
CA ASN B 350 -35.50 16.25 21.96
C ASN B 350 -35.56 15.11 20.96
N GLY B 351 -35.73 13.89 21.49
CA GLY B 351 -35.91 12.72 20.66
C GLY B 351 -34.68 12.24 19.93
N THR B 352 -33.49 12.68 20.33
CA THR B 352 -32.27 12.31 19.63
C THR B 352 -31.60 11.14 20.33
N ALA B 353 -30.62 10.56 19.65
CA ALA B 353 -29.77 9.56 20.30
C ALA B 353 -29.02 10.17 21.47
N SER B 354 -28.50 11.39 21.29
CA SER B 354 -27.94 12.14 22.41
C SER B 354 -28.95 12.22 23.55
N PHE B 355 -30.17 12.63 23.23
CA PHE B 355 -31.21 12.75 24.25
C PHE B 355 -31.40 11.43 25.00
N ASP B 356 -31.61 10.35 24.28
CA ASP B 356 -31.90 9.09 24.97
C ASP B 356 -30.71 8.56 25.74
N TYR B 357 -29.50 8.72 25.21
CA TYR B 357 -28.37 8.23 25.96
C TYR B 357 -28.14 9.05 27.22
N LEU B 358 -28.25 10.37 27.14
CA LEU B 358 -28.05 11.18 28.33
C LEU B 358 -29.02 10.79 29.43
N ASN B 359 -30.31 10.62 29.09
CA ASN B 359 -31.31 10.29 30.10
C ASN B 359 -30.95 9.00 30.81
N ALA B 360 -30.53 7.98 30.06
CA ALA B 360 -30.31 6.66 30.63
C ALA B 360 -29.18 6.64 31.66
N HIS B 361 -28.29 7.63 31.66
CA HIS B 361 -27.17 7.65 32.58
C HIS B 361 -27.19 8.83 33.56
N ALA B 362 -28.28 9.60 33.61
CA ALA B 362 -28.38 10.78 34.47
C ALA B 362 -28.37 10.42 35.95
N LYS B 363 -29.10 9.37 36.34
CA LYS B 363 -29.07 8.91 37.73
C LYS B 363 -27.68 8.37 38.08
N GLU B 364 -27.04 7.65 37.16
CA GLU B 364 -25.73 7.08 37.43
C GLU B 364 -24.73 8.15 37.82
N TYR B 365 -24.56 9.17 36.98
CA TYR B 365 -23.48 10.12 37.14
C TYR B 365 -23.88 11.39 37.88
N GLY B 366 -25.15 11.55 38.21
CA GLY B 366 -25.61 12.68 39.02
C GLY B 366 -25.72 14.02 38.32
N TYR B 367 -26.05 14.04 37.02
CA TYR B 367 -26.30 15.26 36.29
C TYR B 367 -27.79 15.37 35.99
N THR B 368 -28.18 16.52 35.46
CA THR B 368 -29.57 16.81 35.12
C THR B 368 -29.64 17.12 33.63
N VAL B 369 -30.71 16.64 32.96
CA VAL B 369 -30.85 16.78 31.52
C VAL B 369 -31.91 17.85 31.22
N LYS B 370 -31.51 18.88 30.48
CA LYS B 370 -32.43 19.91 29.98
C LYS B 370 -32.74 19.64 28.51
N THR B 371 -34.04 19.69 28.17
CA THR B 371 -34.49 19.34 26.81
C THR B 371 -34.61 20.58 25.92
N PHE B 372 -34.14 20.46 24.68
CA PHE B 372 -34.21 21.53 23.69
C PHE B 372 -34.94 21.05 22.43
N THR B 373 -35.74 21.93 21.86
CA THR B 373 -36.38 21.67 20.57
C THR B 373 -35.67 22.34 19.41
N ASP B 374 -34.84 23.34 19.66
CA ASP B 374 -34.10 24.04 18.64
C ASP B 374 -32.59 23.93 18.90
N ALA B 375 -31.82 23.56 17.86
CA ALA B 375 -30.39 23.38 18.06
C ALA B 375 -29.70 24.68 18.42
N THR B 376 -30.09 25.79 17.80
CA THR B 376 -29.40 27.06 18.03
C THR B 376 -29.59 27.53 19.47
N THR B 377 -30.80 27.39 20.02
CA THR B 377 -30.98 27.74 21.42
C THR B 377 -30.16 26.83 22.32
N MET B 378 -29.90 25.58 21.90
CA MET B 378 -29.05 24.71 22.70
C MET B 378 -27.61 25.24 22.73
N TYR B 379 -27.02 25.47 21.55
CA TYR B 379 -25.61 25.89 21.47
C TYR B 379 -25.40 27.30 21.99
N SER B 380 -26.41 28.17 21.89
CA SER B 380 -26.31 29.47 22.56
C SER B 380 -26.45 29.32 24.08
N SER B 381 -27.25 28.34 24.53
CA SER B 381 -27.43 28.15 25.97
C SER B 381 -26.13 27.68 26.60
N LEU B 382 -25.39 26.83 25.89
CA LEU B 382 -24.05 26.49 26.32
C LEU B 382 -23.15 27.71 26.31
N ASN B 383 -23.25 28.53 25.26
CA ASN B 383 -22.30 29.61 25.06
C ASN B 383 -22.41 30.69 26.13
N ASN B 384 -23.61 30.95 26.63
CA ASN B 384 -23.76 31.96 27.68
C ASN B 384 -23.69 31.37 29.07
N GLY B 385 -23.45 30.07 29.21
CA GLY B 385 -23.38 29.49 30.52
C GLY B 385 -24.70 29.06 31.12
N SER B 386 -25.79 29.04 30.31
CA SER B 386 -27.08 28.55 30.79
C SER B 386 -27.09 27.04 31.02
N ILE B 387 -26.28 26.28 30.28
CA ILE B 387 -26.04 24.88 30.58
C ILE B 387 -24.53 24.68 30.70
N ASN B 388 -24.15 23.58 31.36
CA ASN B 388 -22.74 23.29 31.55
C ASN B 388 -22.12 22.58 30.34
N ALA B 389 -22.93 21.84 29.60
CA ALA B 389 -22.47 20.99 28.51
C ALA B 389 -23.66 20.64 27.64
N LEU B 390 -23.40 20.05 26.48
CA LEU B 390 -24.45 19.47 25.66
C LEU B 390 -23.97 18.14 25.07
N MET B 391 -24.90 17.36 24.56
CA MET B 391 -24.53 16.19 23.76
C MET B 391 -25.19 16.27 22.38
N ASP B 392 -24.41 15.94 21.36
CA ASP B 392 -24.86 15.98 19.98
C ASP B 392 -23.99 15.04 19.17
N ASP B 393 -24.29 14.93 17.88
CA ASP B 393 -23.43 14.18 16.98
C ASP B 393 -22.05 14.82 16.89
N GLU B 394 -21.03 14.00 17.01
CA GLU B 394 -19.65 14.48 16.98
C GLU B 394 -19.34 15.38 15.79
N PRO B 395 -19.63 14.99 14.53
CA PRO B 395 -19.19 15.82 13.40
C PRO B 395 -19.80 17.21 13.40
N VAL B 396 -21.04 17.34 13.88
CA VAL B 396 -21.63 18.67 14.04
C VAL B 396 -20.81 19.51 15.00
N ILE B 397 -20.37 18.88 16.11
CA ILE B 397 -19.65 19.62 17.15
C ILE B 397 -18.26 20.01 16.68
N LYS B 398 -17.55 19.10 16.00
CA LYS B 398 -16.22 19.42 15.51
C LYS B 398 -16.26 20.53 14.46
N TYR B 399 -17.26 20.48 13.57
CA TYR B 399 -17.36 21.51 12.53
C TYR B 399 -17.65 22.88 13.13
N ALA B 400 -18.58 22.95 14.09
CA ALA B 400 -18.82 24.21 14.77
C ALA B 400 -17.56 24.74 15.43
N ILE B 401 -16.67 23.84 15.87
CA ILE B 401 -15.42 24.26 16.47
C ILE B 401 -14.46 24.81 15.42
N LYS B 402 -14.31 24.09 14.31
CA LYS B 402 -13.46 24.58 13.23
C LYS B 402 -13.99 25.89 12.66
N GLN B 403 -15.30 26.11 12.73
CA GLN B 403 -15.86 27.40 12.36
C GLN B 403 -15.54 28.50 13.37
N GLY B 404 -15.08 28.15 14.56
CA GLY B 404 -14.57 29.13 15.51
C GLY B 404 -15.35 29.24 16.81
N GLN B 405 -16.52 28.62 16.90
CA GLN B 405 -17.28 28.65 18.15
C GLN B 405 -16.47 28.07 19.30
N LYS B 406 -16.55 28.73 20.46
CA LYS B 406 -15.65 28.45 21.58
C LYS B 406 -16.15 27.26 22.41
N PHE B 407 -16.01 26.07 21.82
CA PHE B 407 -16.42 24.83 22.45
C PHE B 407 -15.24 23.86 22.48
N ALA B 408 -15.37 22.81 23.31
CA ALA B 408 -14.33 21.80 23.41
C ALA B 408 -14.95 20.45 23.72
N THR B 409 -14.23 19.38 23.35
CA THR B 409 -14.69 18.00 23.53
C THR B 409 -13.72 17.27 24.44
N PRO B 410 -13.92 17.33 25.77
CA PRO B 410 -12.89 16.85 26.70
C PRO B 410 -12.89 15.39 27.12
N ILE B 411 -14.05 14.73 27.09
CA ILE B 411 -14.25 13.43 27.72
C ILE B 411 -14.69 12.41 26.66
N LYS B 412 -14.71 11.15 27.08
CA LYS B 412 -14.86 10.00 26.18
C LYS B 412 -16.17 10.01 25.41
N PRO B 413 -16.13 9.81 24.09
CA PRO B 413 -17.36 9.77 23.27
C PRO B 413 -18.03 8.41 23.29
N ILE B 414 -19.25 8.39 22.78
CA ILE B 414 -20.12 7.21 22.76
C ILE B 414 -20.29 6.77 21.31
N PRO B 415 -19.88 5.55 20.94
CA PRO B 415 -20.08 5.08 19.57
C PRO B 415 -21.56 4.93 19.27
N ASP B 416 -21.96 5.34 18.07
CA ASP B 416 -23.37 5.23 17.76
C ASP B 416 -23.52 5.01 16.25
N GLY B 417 -23.13 3.84 15.79
CA GLY B 417 -23.40 3.44 14.43
C GLY B 417 -22.48 4.05 13.40
N GLN B 418 -22.83 3.78 12.13
CA GLN B 418 -21.99 4.11 10.99
C GLN B 418 -22.86 4.61 9.85
N TYR B 419 -22.36 5.59 9.11
CA TYR B 419 -23.06 6.13 7.95
C TYR B 419 -22.80 5.31 6.69
N GLY B 420 -23.80 5.26 5.83
CA GLY B 420 -23.70 4.48 4.61
C GLY B 420 -24.45 5.11 3.46
N PHE B 421 -23.91 4.93 2.27
CA PHE B 421 -24.59 5.23 1.03
C PHE B 421 -25.49 4.07 0.65
N ALA B 422 -26.72 4.37 0.23
CA ALA B 422 -27.73 3.35 0.03
C ALA B 422 -28.40 3.47 -1.32
N VAL B 423 -28.75 2.32 -1.91
CA VAL B 423 -29.60 2.27 -3.09
C VAL B 423 -30.77 1.34 -2.81
N LYS B 424 -31.81 1.50 -3.61
CA LYS B 424 -32.96 0.59 -3.52
C LYS B 424 -32.49 -0.84 -3.74
N LYS B 425 -32.90 -1.75 -2.86
CA LYS B 425 -32.41 -3.13 -2.90
C LYS B 425 -32.66 -3.80 -4.23
N GLY B 426 -31.62 -4.39 -4.80
CA GLY B 426 -31.78 -5.16 -6.01
C GLY B 426 -32.06 -4.35 -7.26
N SER B 427 -32.10 -3.01 -7.15
CA SER B 427 -32.34 -2.15 -8.30
C SER B 427 -31.03 -1.57 -8.86
N ASN B 428 -30.30 -0.80 -8.07
CA ASN B 428 -29.02 -0.64 -8.76
C ASN B 428 -27.97 -1.55 -8.15
N PRO B 429 -27.09 -2.08 -9.00
CA PRO B 429 -25.97 -2.90 -8.48
C PRO B 429 -24.62 -2.28 -8.79
N GLU B 430 -24.52 -1.65 -9.96
CA GLU B 430 -23.29 -1.04 -10.41
C GLU B 430 -22.91 0.20 -9.60
N LEU B 431 -23.85 0.75 -8.86
CA LEU B 431 -23.63 1.97 -8.10
C LEU B 431 -23.00 1.70 -6.73
N ILE B 432 -23.44 0.65 -6.04
CA ILE B 432 -22.73 0.21 -4.85
C ILE B 432 -21.28 -0.11 -5.18
N GLU B 433 -21.08 -0.82 -6.30
CA GLU B 433 -19.73 -1.16 -6.74
C GLU B 433 -18.88 0.08 -6.87
N MET B 434 -19.34 1.05 -7.65
CA MET B 434 -18.53 2.24 -7.89
C MET B 434 -18.29 2.98 -6.59
N PHE B 435 -19.20 2.86 -5.63
CA PHE B 435 -18.98 3.48 -4.31
C PHE B 435 -17.93 2.72 -3.51
N ASN B 436 -18.06 1.40 -3.44
CA ASN B 436 -17.10 0.62 -2.67
C ASN B 436 -15.70 0.71 -3.28
N ASN B 437 -15.61 0.59 -4.61
CA ASN B 437 -14.32 0.79 -5.24
C ASN B 437 -13.80 2.20 -4.95
N GLY B 438 -14.63 3.22 -5.25
CA GLY B 438 -14.20 4.60 -5.09
C GLY B 438 -13.78 4.96 -3.67
N LEU B 439 -14.52 4.47 -2.68
CA LEU B 439 -14.13 4.72 -1.30
C LEU B 439 -12.77 4.09 -1.00
N ALA B 440 -12.60 2.83 -1.40
CA ALA B 440 -11.33 2.13 -1.20
C ALA B 440 -10.17 2.95 -1.74
N ASN B 441 -10.32 3.47 -2.98
CA ASN B 441 -9.24 4.22 -3.62
C ASN B 441 -8.96 5.54 -2.92
N LEU B 442 -10.01 6.28 -2.53
CA LEU B 442 -9.77 7.53 -1.83
C LEU B 442 -9.29 7.30 -0.39
N ARG B 443 -9.54 6.13 0.18
CA ARG B 443 -8.88 5.81 1.43
C ARG B 443 -7.41 5.51 1.20
N ALA B 444 -7.04 5.02 0.03
CA ALA B 444 -5.65 4.68 -0.18
C ALA B 444 -4.80 5.91 -0.49
N ASN B 445 -5.24 6.75 -1.43
CA ASN B 445 -4.47 7.93 -1.75
C ASN B 445 -4.70 9.08 -0.78
N GLY B 446 -5.60 8.93 0.19
CA GLY B 446 -5.75 9.92 1.24
C GLY B 446 -6.76 11.01 0.97
N GLU B 447 -7.45 10.98 -0.17
CA GLU B 447 -8.45 12.00 -0.42
C GLU B 447 -9.54 12.00 0.65
N TYR B 448 -9.88 10.81 1.15
CA TYR B 448 -10.85 10.65 2.25
C TYR B 448 -10.49 11.50 3.46
N ASP B 449 -9.35 11.21 4.08
CA ASP B 449 -8.91 12.03 5.21
C ASP B 449 -8.82 13.50 4.81
N LYS B 450 -8.42 13.77 3.56
CA LYS B 450 -8.33 15.14 3.10
C LYS B 450 -9.70 15.81 3.12
N ILE B 451 -10.75 15.08 2.71
CA ILE B 451 -12.11 15.59 2.73
C ILE B 451 -12.62 15.75 4.16
N ILE B 452 -12.43 14.74 5.00
CA ILE B 452 -12.96 14.82 6.36
C ILE B 452 -12.33 15.98 7.11
N ASP B 453 -11.00 16.01 7.13
CA ASP B 453 -10.30 17.05 7.89
C ASP B 453 -10.64 18.44 7.38
N LYS B 454 -11.01 18.55 6.09
CA LYS B 454 -11.46 19.84 5.55
C LYS B 454 -12.62 20.39 6.36
N TYR B 455 -13.46 19.53 6.89
CA TYR B 455 -14.64 19.94 7.65
C TYR B 455 -14.48 19.79 9.16
N LEU B 456 -13.67 18.86 9.65
CA LEU B 456 -13.66 18.56 11.07
C LEU B 456 -12.34 18.79 11.78
N GLU B 457 -11.26 19.13 11.05
CA GLU B 457 -9.88 19.35 11.57
C GLU B 457 -9.43 18.30 12.59
C1 PEG C . 2.49 21.26 31.36
O1 PEG C . 3.35 21.57 32.43
C2 PEG C . 1.59 20.08 31.73
O2 PEG C . 0.42 20.10 30.95
C3 PEG C . -0.17 18.84 30.73
C4 PEG C . -1.17 18.41 31.81
O4 PEG C . -1.90 17.28 31.38
C1 PEG D . -7.95 16.02 24.37
O1 PEG D . -9.07 15.88 25.21
C2 PEG D . -8.19 15.31 23.03
O2 PEG D . -7.83 13.96 23.08
C3 PEG D . -7.67 13.34 21.84
C4 PEG D . -8.51 12.07 21.73
O4 PEG D . -9.61 12.35 20.90
C1 PEG E . -10.64 -0.92 28.74
O1 PEG E . -11.65 -1.35 29.62
C2 PEG E . -11.18 0.10 27.74
O2 PEG E . -10.73 -0.17 26.44
C3 PEG E . -11.67 0.07 25.43
C4 PEG E . -12.82 -0.94 25.50
O4 PEG E . -13.21 -1.39 24.22
C1 PEG F . 22.22 -0.89 16.66
O1 PEG F . 22.40 -0.11 17.81
C2 PEG F . 21.19 -1.98 16.97
O2 PEG F . 20.35 -2.22 15.88
C3 PEG F . 20.77 -3.28 15.04
C4 PEG F . 19.58 -4.10 14.56
O4 PEG F . 19.87 -4.90 13.44
C1 PEG G . 8.24 10.78 4.13
O1 PEG G . 9.30 10.07 3.55
C2 PEG G . 8.79 11.79 5.13
O2 PEG G . 8.09 13.00 5.07
C3 PEG G . 8.19 13.63 3.82
C4 PEG G . 7.72 15.09 3.88
O4 PEG G . 8.05 15.74 2.67
C1 PEG H . 28.35 21.71 0.44
O1 PEG H . 29.46 21.87 -0.40
C2 PEG H . 27.29 20.86 -0.28
O2 PEG H . 26.48 20.19 0.64
C3 PEG H . 25.80 19.07 0.13
C4 PEG H . 26.79 17.92 -0.05
O4 PEG H . 26.79 17.46 -1.39
C1 PEG I . 36.31 -1.01 4.72
O1 PEG I . 37.49 -0.72 5.42
C2 PEG I . 36.62 -1.68 3.39
O2 PEG I . 35.85 -1.10 2.39
C3 PEG I . 35.25 -2.01 1.51
C4 PEG I . 35.71 -1.74 0.07
O4 PEG I . 34.62 -1.63 -0.81
C1 PEG J . 33.18 21.71 2.15
O1 PEG J . 32.17 21.32 1.27
C2 PEG J . 33.39 20.60 3.18
O2 PEG J . 34.60 20.77 3.85
C3 PEG J . 35.37 19.61 3.91
C4 PEG J . 36.75 19.84 3.30
O4 PEG J . 37.48 20.73 4.10
C1 PEG K . -1.12 10.35 1.78
O1 PEG K . -1.21 11.75 1.73
C2 PEG K . -2.35 9.78 2.50
O2 PEG K . -2.04 8.57 3.13
C3 PEG K . -2.92 7.53 2.83
C4 PEG K . -2.94 6.48 3.96
O4 PEG K . -3.63 6.99 5.07
C1 PEG L . 17.44 -16.88 21.82
O1 PEG L . 18.73 -16.40 22.11
C2 PEG L . 17.36 -18.41 21.89
O2 PEG L . 17.43 -18.97 20.60
C3 PEG L . 18.63 -18.70 19.96
C4 PEG L . 18.61 -19.13 18.49
O4 PEG L . 19.86 -18.80 17.91
C1 PEG M . 1.09 -35.24 -6.40
O1 PEG M . 0.96 -34.17 -7.31
C2 PEG M . 2.43 -35.93 -6.65
O2 PEG M . 2.34 -37.29 -6.31
C3 PEG M . 1.34 -37.97 -7.00
C4 PEG M . 1.04 -39.27 -6.27
O4 PEG M . 0.40 -40.15 -7.16
C1 PEG N . -7.49 3.17 36.93
O1 PEG N . -8.19 2.39 35.98
C2 PEG N . -8.19 4.53 37.08
O2 PEG N . -7.38 5.39 37.83
C3 PEG N . -8.06 5.98 38.90
C4 PEG N . -7.06 6.79 39.73
O4 PEG N . -6.89 6.19 40.99
C1 PEG O . 21.75 -31.98 5.38
O1 PEG O . 22.87 -31.19 5.68
C2 PEG O . 21.18 -31.53 4.04
O2 PEG O . 20.73 -32.66 3.36
C3 PEG O . 19.35 -32.83 3.33
C4 PEG O . 18.98 -34.28 3.04
O4 PEG O . 19.15 -35.12 4.17
C1 PEG P . 13.74 24.62 12.51
O1 PEG P . 12.68 25.15 13.26
C2 PEG P . 13.30 24.40 11.07
O2 PEG P . 12.39 25.40 10.69
C3 PEG P . 11.92 25.30 9.38
C4 PEG P . 13.09 25.34 8.39
O4 PEG P . 12.80 26.20 7.32
C1 PEG Q . 23.20 -13.92 1.71
O1 PEG Q . 23.14 -12.56 1.36
C2 PEG Q . 24.66 -14.31 1.81
O2 PEG Q . 25.36 -13.62 0.81
C3 PEG Q . 26.76 -13.85 0.82
C4 PEG Q . 27.19 -14.81 -0.29
O4 PEG Q . 28.26 -15.63 0.12
C1 PEG R . 33.17 -24.92 -5.29
O1 PEG R . 34.20 -24.01 -5.01
C2 PEG R . 31.82 -24.22 -5.18
O2 PEG R . 31.00 -24.57 -6.27
C3 PEG R . 30.27 -23.51 -6.84
C4 PEG R . 30.09 -23.74 -8.34
O4 PEG R . 30.47 -22.61 -9.07
C1 PEG S . 25.05 -5.26 13.74
O1 PEG S . 24.23 -4.39 13.01
C2 PEG S . 24.31 -6.52 14.22
O2 PEG S . 25.19 -7.54 14.64
C3 PEG S . 25.05 -8.78 13.99
C4 PEG S . 26.37 -9.49 13.62
O4 PEG S . 26.39 -9.89 12.26
C1 PEG T . 22.98 -11.30 23.45
O1 PEG T . 23.11 -10.64 24.68
C2 PEG T . 21.50 -11.44 23.13
O2 PEG T . 21.31 -12.35 22.08
C3 PEG T . 21.06 -11.76 20.83
C4 PEG T . 21.70 -12.56 19.69
O4 PEG T . 21.98 -11.71 18.61
C1 PEG U . 3.75 0.27 15.42
O1 PEG U . 3.77 -0.89 16.22
C2 PEG U . 5.09 0.52 14.69
O2 PEG U . 4.94 1.48 13.68
C3 PEG U . 6.09 2.22 13.36
C4 PEG U . 6.35 2.18 11.85
O4 PEG U . 5.78 3.29 11.20
C1 PEG V . 9.86 3.67 8.79
O1 PEG V . 10.41 3.09 9.95
C2 PEG V . 10.70 3.28 7.57
O2 PEG V . 10.42 4.06 6.42
C3 PEG V . 11.47 4.93 6.06
C4 PEG V . 11.15 5.81 4.85
O4 PEG V . 9.82 5.62 4.44
C1 PEG W . 20.32 -29.77 -13.76
O1 PEG W . 20.77 -30.52 -12.65
C2 PEG W . 19.21 -28.80 -13.31
O2 PEG W . 19.32 -27.58 -13.99
C3 PEG W . 19.55 -26.45 -13.17
C4 PEG W . 20.93 -25.81 -13.40
O4 PEG W . 20.95 -24.88 -14.47
C1 PEG X . 33.40 8.79 -3.47
O1 PEG X . 32.90 9.99 -3.98
C2 PEG X . 34.91 8.86 -3.19
O2 PEG X . 35.28 10.09 -2.65
C3 PEG X . 35.82 10.04 -1.35
C4 PEG X . 35.03 10.94 -0.38
O4 PEG X . 35.23 12.30 -0.64
O1 MES Y . 14.29 11.30 24.40
C2 MES Y . 15.66 11.12 24.05
C3 MES Y . 15.90 9.67 23.67
N4 MES Y . 15.54 8.79 24.80
C5 MES Y . 14.13 9.02 25.16
C6 MES Y . 13.92 10.49 25.50
C7 MES Y . 15.73 7.39 24.42
C8 MES Y . 15.48 6.49 25.62
S MES Y . 16.11 4.98 25.33
O1S MES Y . 16.82 4.98 24.04
O2S MES Y . 15.01 3.98 25.29
O3S MES Y . 17.05 4.62 26.42
O1 MES Z . 16.98 -29.71 -1.34
C2 MES Z . 16.49 -28.43 -0.94
C3 MES Z . 15.22 -28.61 -0.12
N4 MES Z . 14.22 -29.33 -0.91
C5 MES Z . 14.76 -30.63 -1.33
C6 MES Z . 16.03 -30.42 -2.14
C7 MES Z . 13.01 -29.54 -0.10
C8 MES Z . 11.96 -30.28 -0.92
S MES Z . 10.67 -30.67 0.04
O1S MES Z . 9.44 -30.78 -0.78
O2S MES Z . 10.48 -29.62 1.07
O3S MES Z . 10.92 -31.97 0.71
O1 PG4 AA . 15.65 -7.50 -8.05
C1 PG4 AA . 16.37 -7.61 -6.87
C2 PG4 AA . 17.67 -8.39 -7.12
O2 PG4 AA . 18.48 -8.39 -5.98
C3 PG4 AA . 19.77 -7.86 -6.15
C4 PG4 AA . 20.78 -8.72 -5.40
O3 PG4 AA . 22.11 -8.47 -5.80
C5 PG4 AA . 22.40 -8.68 -7.16
C6 PG4 AA . 23.36 -9.85 -7.37
O4 PG4 AA . 22.72 -10.91 -8.04
C7 PG4 AA . 22.70 -12.14 -7.36
C8 PG4 AA . 21.83 -12.09 -6.09
O5 PG4 AA . 22.29 -12.94 -5.06
O1 PG4 BA . 2.13 -22.65 10.74
C1 PG4 BA . 1.42 -21.44 10.55
C2 PG4 BA . 0.44 -21.51 9.36
O2 PG4 BA . 1.11 -21.41 8.12
C3 PG4 BA . 0.32 -21.07 7.03
C4 PG4 BA . -0.67 -22.20 6.71
O3 PG4 BA . -0.33 -22.86 5.53
C5 PG4 BA . -1.36 -23.59 4.94
C6 PG4 BA . -0.75 -24.40 3.81
O4 PG4 BA . -1.35 -25.68 3.65
C7 PG4 BA . -1.80 -26.35 4.80
C8 PG4 BA . -0.91 -27.57 5.07
O5 PG4 BA . -0.80 -28.34 3.91
O1 PG4 CA . 17.09 6.51 37.53
C1 PG4 CA . 17.64 6.08 36.30
C2 PG4 CA . 16.87 4.91 35.70
O2 PG4 CA . 17.61 3.72 35.74
C3 PG4 CA . 16.88 2.52 35.68
C4 PG4 CA . 17.49 1.47 36.63
O3 PG4 CA . 16.49 0.81 37.35
C5 PG4 CA . 16.88 0.14 38.52
C6 PG4 CA . 17.80 1.01 39.38
O4 PG4 CA . 17.06 1.63 40.38
C7 PG4 CA . 17.80 2.00 41.51
C8 PG4 CA . 18.32 3.43 41.37
O5 PG4 CA . 17.30 4.37 41.62
OH2 1PE DA . 25.00 -4.62 8.42
C12 1PE DA . 23.80 -3.89 8.24
C22 1PE DA . 23.48 -3.54 6.76
OH3 1PE DA . 22.47 -2.56 6.63
C13 1PE DA . 20.08 -2.43 6.26
C23 1PE DA . 21.45 -2.75 5.64
OH4 1PE DA . 19.17 -3.51 6.28
C14 1PE DA . 20.19 -4.29 8.41
C24 1PE DA . 18.95 -4.17 7.51
OH5 1PE DA . 20.95 -5.48 8.25
C15 1PE DA . 21.59 -7.41 6.78
C25 1PE DA . 21.02 -6.00 6.93
OH6 1PE DA . 20.59 -8.39 6.75
C16 1PE DA . 19.12 -8.39 4.94
C26 1PE DA . 20.40 -9.00 5.52
OH7 1PE DA . 19.29 -7.03 4.62
C48 PE5 EA . 7.71 -6.85 24.47
C50 PE5 EA . 6.90 -5.83 25.26
O1 PE5 EA . 5.93 -6.44 26.08
C1 PE5 EA . 6.09 -6.20 27.45
C2 PE5 EA . 5.29 -7.19 28.28
O2 PE5 EA . 5.79 -7.27 29.60
C3 PE5 EA . 5.83 -8.55 30.16
C4 PE5 EA . 6.27 -9.62 29.14
O3 PE5 EA . 7.67 -9.70 29.04
C5 PE5 EA . 8.16 -11.02 28.96
C6 PE5 EA . 9.01 -11.20 27.69
O4 PE5 EA . 10.31 -10.68 27.86
C7 PE5 EA . 11.19 -11.06 26.85
C8 PE5 EA . 10.64 -10.65 25.48
O5 PE5 EA . 11.45 -9.63 24.94
C9 PE5 EA . 10.82 -8.80 24.00
C10 PE5 EA . 11.24 -7.35 24.23
O6 PE5 EA . 12.62 -7.21 24.13
C11 PE5 EA . 13.03 -6.67 22.90
C12 PE5 EA . 14.56 -6.58 22.74
O7 PE5 EA . 15.08 -5.34 23.15
C13 PE5 EA . 16.30 -5.44 23.83
C14 PE5 EA . 16.22 -6.44 25.00
O8 PE5 EA . 17.49 -6.81 25.50
C15 PE5 EA . 17.90 -6.10 26.63
C16 PE5 EA . 18.69 -6.96 27.61
O52 PE5 EA . 19.18 -6.16 28.65
C48 PE5 FA . 1.98 -18.97 -2.85
C50 PE5 FA . 1.19 -18.04 -3.75
O1 PE5 FA . 1.50 -18.29 -5.10
C1 PE5 FA . 2.87 -18.21 -5.42
C2 PE5 FA . 3.09 -18.35 -6.95
O2 PE5 FA . 4.40 -18.76 -7.24
C3 PE5 FA . 4.67 -18.74 -8.61
C4 PE5 FA . 4.20 -20.04 -9.25
O3 PE5 FA . 3.54 -19.81 -10.46
C5 PE5 FA . 4.06 -20.51 -11.57
C6 PE5 FA . 5.56 -20.25 -11.74
O4 PE5 FA . 5.94 -19.92 -13.06
C7 PE5 FA . 7.10 -19.12 -13.15
C8 PE5 FA . 6.94 -17.93 -14.11
O5 PE5 FA . 7.00 -16.71 -13.40
C9 PE5 FA . 6.15 -16.68 -12.27
C10 PE5 FA . 5.16 -15.50 -12.28
O6 PE5 FA . 3.92 -15.89 -12.78
C11 PE5 FA . 3.50 -15.15 -13.90
C12 PE5 FA . 4.38 -15.47 -15.09
O7 PE5 FA . 3.88 -14.84 -16.23
C13 PE5 FA . 3.86 -13.44 -16.23
C14 PE5 FA . 4.39 -12.92 -17.56
O8 PE5 FA . 5.39 -11.98 -17.33
C15 PE5 FA . 6.69 -12.48 -17.18
C16 PE5 FA . 7.72 -11.40 -17.51
O52 PE5 FA . 7.95 -10.62 -16.37
O1 PG4 GA . 28.14 -29.67 -3.81
C1 PG4 GA . 27.89 -30.95 -3.31
C2 PG4 GA . 27.33 -30.83 -1.90
O2 PG4 GA . 26.80 -32.06 -1.48
C3 PG4 GA . 25.65 -31.95 -0.68
C4 PG4 GA . 24.42 -32.36 -1.50
O3 PG4 GA . 24.27 -31.53 -2.63
C5 PG4 GA . 22.95 -31.20 -2.94
C6 PG4 GA . 22.25 -30.63 -1.71
O4 PG4 GA . 21.18 -31.46 -1.30
C7 PG4 GA . 19.92 -30.87 -1.45
C8 PG4 GA . 19.36 -31.18 -2.84
O5 PG4 GA . 19.31 -30.01 -3.60
C1 PGE HA . 8.16 -33.59 10.41
O1 PGE HA . 7.36 -34.26 11.38
C2 PGE HA . 9.36 -32.89 11.03
O2 PGE HA . 10.09 -32.12 10.07
C3 PGE HA . 10.03 -32.58 8.72
C4 PGE HA . 11.12 -31.98 7.87
O4 PGE HA . 12.95 -34.38 4.18
C6 PGE HA . 13.01 -34.24 5.61
C5 PGE HA . 11.80 -33.49 6.13
O3 PGE HA . 12.03 -32.99 7.44
C1 PEG IA . -24.74 26.12 16.21
O1 PEG IA . -25.56 27.06 15.56
C2 PEG IA . -24.85 24.77 15.49
O2 PEG IA . -23.58 24.31 15.12
C3 PEG IA . -23.49 23.82 13.82
C4 PEG IA . -23.69 24.96 12.82
O4 PEG IA . -22.45 25.46 12.40
C1 PEG JA . -14.06 -2.78 -29.24
O1 PEG JA . -15.17 -1.95 -28.97
C2 PEG JA . -14.48 -4.20 -29.65
O2 PEG JA . -13.94 -4.56 -30.90
C3 PEG JA . -14.88 -4.70 -31.93
C4 PEG JA . -14.37 -5.62 -33.04
O4 PEG JA . -13.69 -4.92 -34.04
C1 PEG KA . -3.64 6.13 -10.68
O1 PEG KA . -3.79 5.78 -9.33
C2 PEG KA . -4.74 7.11 -11.09
O2 PEG KA . -4.38 8.40 -10.68
C3 PEG KA . -5.00 9.44 -11.37
C4 PEG KA . -5.90 10.24 -10.41
O4 PEG KA . -5.11 10.97 -9.51
C1 PEG LA . 3.41 -11.74 -43.50
O1 PEG LA . 2.36 -12.61 -43.19
C2 PEG LA . 4.22 -12.32 -44.64
O2 PEG LA . 4.24 -13.72 -44.52
C3 PEG LA . 5.15 -14.35 -45.38
C4 PEG LA . 6.41 -14.80 -44.63
O4 PEG LA . 6.12 -15.92 -43.85
C1 PEG MA . 7.85 24.06 -7.83
O1 PEG MA . 6.85 23.41 -7.09
C2 PEG MA . 9.12 23.21 -7.82
O2 PEG MA . 9.93 23.57 -8.91
C3 PEG MA . 10.16 24.96 -8.99
C4 PEG MA . 11.39 25.34 -8.16
O4 PEG MA . 12.55 24.94 -8.84
C1 PEG NA . -29.73 6.00 23.34
O1 PEG NA . -30.07 4.87 24.11
C2 PEG NA . -28.66 5.65 22.30
O2 PEG NA . -27.74 4.70 22.78
C3 PEG NA . -26.54 4.61 22.07
C4 PEG NA . -25.75 3.35 22.48
O4 PEG NA . -25.83 3.09 23.86
C1 PEG OA . -14.74 11.27 13.70
O1 PEG OA . -14.70 9.87 13.84
C2 PEG OA . -13.36 11.84 13.37
O2 PEG OA . -13.05 11.64 12.01
C3 PEG OA . -11.80 11.03 11.77
C4 PEG OA . -11.97 9.64 11.13
O4 PEG OA . -11.41 9.58 9.85
C1 PEG PA . -12.95 12.47 -24.27
O1 PEG PA . -13.48 13.16 -23.17
C2 PEG PA . -11.44 12.68 -24.31
O2 PEG PA . -11.12 14.04 -24.18
C3 PEG PA . -11.48 14.85 -25.25
C4 PEG PA . -10.24 15.39 -25.95
O4 PEG PA . -9.22 14.44 -25.87
O1 MES QA . 2.61 5.77 -29.35
C2 MES QA . 1.77 6.92 -29.27
C3 MES QA . 0.32 6.51 -29.55
N4 MES QA . 0.23 5.90 -30.88
C5 MES QA . 1.13 4.74 -30.95
C6 MES QA . 2.56 5.17 -30.64
C7 MES QA . -1.15 5.47 -31.13
C8 MES QA . -2.12 6.50 -30.57
S MES QA . -3.61 6.33 -31.30
O1S MES QA . -4.64 6.97 -30.45
O2S MES QA . -3.58 6.96 -32.63
O3S MES QA . -3.92 4.89 -31.44
O1 MES RA . -31.08 14.76 10.60
C2 MES RA . -30.41 14.08 11.65
C3 MES RA . -29.75 12.81 11.10
N4 MES RA . -30.77 11.95 10.50
C5 MES RA . -31.45 12.68 9.42
C6 MES RA . -32.09 13.95 10.00
C7 MES RA . -30.12 10.75 9.94
C8 MES RA . -31.10 9.58 9.99
S MES RA . -30.45 8.35 10.91
O1S MES RA . -29.87 8.92 12.14
O2S MES RA . -31.51 7.39 11.27
O3S MES RA . -29.39 7.67 10.13
O1 MES SA . -6.67 1.94 -15.12
C2 MES SA . -5.74 1.02 -15.70
C3 MES SA . -6.33 0.46 -17.00
N4 MES SA . -7.60 -0.21 -16.72
C5 MES SA . -8.53 0.75 -16.10
C6 MES SA . -7.92 1.31 -14.82
C7 MES SA . -8.18 -0.71 -17.97
C8 MES SA . -8.81 -2.08 -17.73
S MES SA . -9.57 -2.60 -19.11
O1S MES SA . -11.02 -2.42 -18.97
O2S MES SA . -9.09 -1.79 -20.27
O3S MES SA . -9.26 -4.02 -19.34
C1 PGE TA . -1.90 4.88 -43.10
O1 PGE TA . -0.81 4.05 -43.41
C2 PGE TA . -2.47 4.68 -41.68
O2 PGE TA . -3.67 3.95 -41.72
C3 PGE TA . -4.81 4.65 -41.31
C4 PGE TA . -6.10 4.04 -41.88
O4 PGE TA . -6.10 3.08 -45.93
C6 PGE TA . -7.17 3.81 -45.41
C5 PGE TA . -7.30 3.60 -43.89
O3 PGE TA . -6.05 3.75 -43.26
O1 PG4 UA . 9.60 -3.29 -9.38
C1 PG4 UA . 9.87 -3.25 -8.00
C2 PG4 UA . 10.71 -2.02 -7.65
O2 PG4 UA . 10.12 -1.34 -6.58
C3 PG4 UA . 9.71 -0.03 -6.89
C4 PG4 UA . 8.94 0.59 -5.72
O3 PG4 UA . 7.70 1.07 -6.18
C5 PG4 UA . 6.78 1.41 -5.19
C6 PG4 UA . 5.45 1.85 -5.81
O4 PG4 UA . 4.71 0.76 -6.34
C7 PG4 UA . 4.41 0.84 -7.71
C8 PG4 UA . 3.43 -0.24 -8.17
O5 PG4 UA . 4.01 -1.02 -9.17
C1 PGE VA . -19.16 6.21 29.40
O1 PGE VA . -20.50 6.19 29.83
C2 PGE VA . -18.22 6.37 30.61
O2 PGE VA . -17.05 5.59 30.47
C3 PGE VA . -16.32 5.37 31.65
C4 PGE VA . -15.31 4.21 31.53
O4 PGE VA . -14.74 1.55 27.85
C6 PGE VA . -13.87 2.14 28.78
C5 PGE VA . -14.56 2.47 30.10
O3 PGE VA . -14.99 3.80 30.22
C1 PGE WA . 0.40 5.75 -8.03
O1 PGE WA . -0.92 5.29 -8.33
C2 PGE WA . 1.28 5.53 -9.24
O2 PGE WA . 2.50 4.89 -8.87
C3 PGE WA . 3.66 5.60 -9.26
C4 PGE WA . 4.93 4.78 -9.05
O4 PGE WA . 4.17 5.64 -5.43
C6 PGE WA . 5.56 5.38 -5.50
C5 PGE WA . 5.99 5.30 -6.96
O3 PGE WA . 5.10 4.47 -7.68
#